data_4GJP
#
_entry.id   4GJP
#
_cell.length_a   81.203
_cell.length_b   87.114
_cell.length_c   88.147
_cell.angle_alpha   90.00
_cell.angle_beta   102.85
_cell.angle_gamma   90.00
#
_symmetry.space_group_name_H-M   'P 1 21 1'
#
loop_
_entity.id
_entity.type
_entity.pdbx_description
1 polymer Hax3
2 polymer "DNA (5'-D(*TP*GP*TP*CP*CP*CP*TP*TP*(5CM)P*GP*(5CM)P*GP*TP*CP*TP*CP*T)-3')"
3 polymer "DNA (5'-D(*AP*GP*AP*GP*AP*CP*GP*CP*GP*AP*AP*GP*GP*GP*AP*CP*A)-3')"
4 non-polymer 'MAGNESIUM ION'
5 water water
#
loop_
_entity_poly.entity_id
_entity_poly.type
_entity_poly.pdbx_seq_one_letter_code
_entity_poly.pdbx_strand_id
1 'polypeptide(L)'
;MQWSGARALEALLTVAGELRGPPLQLDTGQLLKIAKRGGVTAVEAVHAWRNALTGAPLNLTPEQVVAIASHDGGKQALET
VQRLLPVLCQAHGLTPQQVVAIASHDGGKQALETVQRLLPVLCQAHGLTPEQVVAIASHDGGKQALETVQALLPVLCQAH
GLTPEQVVAIASNGGGKQALETVQRLLPVLCQAHGLTPQQVVAIASNGGGKQALETVQRLLPVLCQAHGLTPQQVVAIAS
NGGGKQALETVQRLLPVLCQAHGLTPQQVVAIASNNGGKQALETVQRLLPVLCQAHGLTPQQVVAIASNGGGKQALETVQ
RLLPVLCQAHGLTPQQVVAIASNNGGKQALETVQRLLPVLCQAHGLTPEQVVAIASNGGGKQALETVQRLLPVLCQAHGL
TPEQVVAIASHDGGKQALETVQRLLPVLCQAHGLTPQQVVAIASNGGGRPALESIVAQLSRPDPALAALTNDHLVALACL
GGRPALDAVKKLEHHHHHH
;
A,B
2 'polydeoxyribonucleotide' (DT)(DG)(DT)(DC)(DC)(DC)(DT)(DT)(5CM)(DG)(5CM)(DG)(DT)(DC)(DT)(DC)(DT) I,G
3 'polydeoxyribonucleotide' (DA)(DG)(DA)(DG)(DA)(DC)(DG)(DC)(DG)(DA)(DA)(DG)(DG)(DG)(DA)(DC)(DA) J,H
#
# COMPACT_ATOMS: atom_id res chain seq x y z
N MET A 1 -40.46 -52.93 16.17
CA MET A 1 -39.97 -51.58 16.38
C MET A 1 -38.55 -51.41 15.81
N GLN A 2 -38.45 -51.60 14.49
CA GLN A 2 -37.16 -51.53 13.81
C GLN A 2 -36.59 -50.11 13.80
N TRP A 3 -35.26 -50.03 13.78
CA TRP A 3 -34.56 -48.76 13.68
C TRP A 3 -35.17 -47.90 12.58
N SER A 4 -35.55 -46.67 12.93
CA SER A 4 -36.24 -45.77 12.01
C SER A 4 -35.45 -45.49 10.72
N GLY A 5 -34.13 -45.29 10.85
CA GLY A 5 -33.30 -44.92 9.71
C GLY A 5 -32.97 -46.04 8.73
N ALA A 6 -33.59 -47.20 8.92
CA ALA A 6 -33.24 -48.39 8.12
C ALA A 6 -33.53 -48.23 6.62
N ARG A 7 -34.76 -47.81 6.32
CA ARG A 7 -35.19 -47.59 4.95
C ARG A 7 -34.35 -46.49 4.27
N ALA A 8 -34.04 -45.44 5.02
CA ALA A 8 -33.20 -44.34 4.53
C ALA A 8 -31.82 -44.83 4.13
N LEU A 9 -31.18 -45.57 5.04
CA LEU A 9 -29.88 -46.14 4.75
C LEU A 9 -29.94 -47.03 3.51
N GLU A 10 -31.00 -47.82 3.41
CA GLU A 10 -31.17 -48.71 2.25
C GLU A 10 -31.29 -47.94 0.91
N ALA A 11 -32.10 -46.88 0.92
CA ALA A 11 -32.25 -46.05 -0.28
C ALA A 11 -30.89 -45.46 -0.67
N LEU A 12 -30.25 -44.86 0.32
CA LEU A 12 -28.91 -44.33 0.19
C LEU A 12 -27.99 -45.31 -0.51
N LEU A 13 -27.93 -46.52 0.01
CA LEU A 13 -27.03 -47.51 -0.56
C LEU A 13 -27.44 -47.94 -1.98
N THR A 14 -28.74 -47.96 -2.27
CA THR A 14 -29.17 -48.27 -3.65
C THR A 14 -28.67 -47.22 -4.65
N VAL A 15 -29.06 -45.97 -4.43
CA VAL A 15 -28.69 -44.89 -5.32
C VAL A 15 -27.18 -44.77 -5.41
N ALA A 16 -26.53 -44.84 -4.25
CA ALA A 16 -25.07 -44.75 -4.18
C ALA A 16 -24.46 -45.82 -5.05
N GLY A 17 -25.03 -47.03 -4.99
CA GLY A 17 -24.64 -48.10 -5.89
C GLY A 17 -24.74 -47.66 -7.34
N GLU A 18 -25.87 -47.05 -7.70
CA GLU A 18 -26.05 -46.57 -9.08
C GLU A 18 -25.07 -45.46 -9.54
N LEU A 19 -24.63 -44.61 -8.61
CA LEU A 19 -23.75 -43.47 -8.96
C LEU A 19 -22.33 -43.85 -9.36
N ARG A 20 -21.93 -45.09 -9.04
CA ARG A 20 -20.60 -45.58 -9.41
C ARG A 20 -20.48 -45.78 -10.91
N GLY A 21 -21.62 -45.92 -11.57
CA GLY A 21 -21.63 -46.02 -13.02
C GLY A 21 -21.47 -44.65 -13.66
N PRO A 22 -21.36 -44.63 -15.00
CA PRO A 22 -21.37 -43.39 -15.77
C PRO A 22 -22.60 -42.55 -15.39
N PRO A 23 -22.53 -41.22 -15.58
CA PRO A 23 -21.38 -40.51 -16.14
C PRO A 23 -20.49 -39.92 -15.06
N LEU A 24 -20.76 -40.24 -13.79
CA LEU A 24 -20.01 -39.65 -12.68
C LEU A 24 -18.90 -40.54 -12.11
N GLN A 25 -19.18 -41.83 -11.96
CA GLN A 25 -18.20 -42.79 -11.46
C GLN A 25 -17.60 -42.45 -10.09
N LEU A 26 -18.47 -42.17 -9.13
CA LEU A 26 -18.02 -41.82 -7.80
C LEU A 26 -17.40 -43.04 -7.10
N ASP A 27 -16.32 -42.80 -6.37
CA ASP A 27 -15.70 -43.86 -5.58
C ASP A 27 -16.32 -43.87 -4.20
N THR A 28 -15.82 -44.75 -3.33
CA THR A 28 -16.42 -44.93 -2.02
C THR A 28 -16.29 -43.71 -1.13
N GLY A 29 -15.17 -43.00 -1.27
CA GLY A 29 -14.92 -41.82 -0.47
C GLY A 29 -15.88 -40.69 -0.79
N GLN A 30 -16.08 -40.45 -2.07
CA GLN A 30 -16.99 -39.40 -2.52
C GLN A 30 -18.45 -39.64 -2.04
N LEU A 31 -18.91 -40.87 -2.22
CA LEU A 31 -20.27 -41.28 -1.81
C LEU A 31 -20.49 -41.09 -0.31
N LEU A 32 -19.49 -41.51 0.46
CA LEU A 32 -19.54 -41.43 1.91
C LEU A 32 -19.64 -39.99 2.32
N LYS A 33 -18.76 -39.17 1.76
CA LYS A 33 -18.73 -37.72 1.97
C LYS A 33 -20.13 -37.11 1.75
N ILE A 34 -20.69 -37.36 0.57
CA ILE A 34 -22.01 -36.82 0.25
C ILE A 34 -23.06 -37.26 1.25
N ALA A 35 -23.10 -38.56 1.58
CA ALA A 35 -24.07 -39.02 2.57
C ALA A 35 -23.91 -38.31 3.92
N LYS A 36 -22.66 -38.21 4.37
CA LYS A 36 -22.32 -37.64 5.69
C LYS A 36 -22.77 -36.19 5.81
N ARG A 37 -22.54 -35.39 4.78
CA ARG A 37 -22.97 -33.99 4.95
C ARG A 37 -24.28 -33.60 4.21
N GLY A 38 -24.34 -33.87 2.91
CA GLY A 38 -25.57 -33.59 2.18
C GLY A 38 -26.74 -34.53 2.47
N GLY A 39 -26.42 -35.75 2.89
CA GLY A 39 -27.47 -36.68 3.26
C GLY A 39 -28.09 -37.47 2.10
N VAL A 40 -29.14 -38.21 2.41
CA VAL A 40 -29.82 -39.03 1.42
C VAL A 40 -30.39 -38.19 0.30
N THR A 41 -30.97 -37.05 0.64
CA THR A 41 -31.56 -36.19 -0.37
C THR A 41 -30.51 -35.65 -1.31
N ALA A 42 -29.31 -35.41 -0.79
CA ALA A 42 -28.19 -34.94 -1.59
C ALA A 42 -27.70 -36.03 -2.53
N VAL A 43 -27.58 -37.25 -2.03
CA VAL A 43 -27.20 -38.37 -2.88
C VAL A 43 -28.24 -38.55 -4.01
N GLU A 44 -29.51 -38.56 -3.63
CA GLU A 44 -30.61 -38.67 -4.60
C GLU A 44 -30.61 -37.56 -5.64
N ALA A 45 -30.30 -36.33 -5.20
CA ALA A 45 -30.24 -35.20 -6.13
C ALA A 45 -29.08 -35.35 -7.09
N VAL A 46 -27.95 -35.85 -6.61
CA VAL A 46 -26.82 -36.13 -7.48
C VAL A 46 -27.24 -37.14 -8.55
N HIS A 47 -27.96 -38.17 -8.14
CA HIS A 47 -28.45 -39.13 -9.13
C HIS A 47 -29.38 -38.49 -10.17
N ALA A 48 -30.39 -37.76 -9.70
CA ALA A 48 -31.38 -37.21 -10.60
C ALA A 48 -30.79 -36.19 -11.58
N TRP A 49 -29.74 -35.49 -11.16
CA TRP A 49 -29.12 -34.44 -11.95
C TRP A 49 -27.89 -34.85 -12.69
N ARG A 50 -27.47 -36.10 -12.53
CA ARG A 50 -26.16 -36.55 -13.05
C ARG A 50 -25.84 -36.11 -14.49
N ASN A 51 -26.81 -36.28 -15.38
CA ASN A 51 -26.65 -35.92 -16.79
C ASN A 51 -26.63 -34.40 -17.01
N ALA A 52 -27.53 -33.69 -16.34
CA ALA A 52 -27.61 -32.23 -16.47
C ALA A 52 -26.34 -31.51 -15.98
N LEU A 53 -25.66 -32.11 -15.00
CA LEU A 53 -24.46 -31.51 -14.44
C LEU A 53 -23.21 -31.92 -15.20
N THR A 54 -23.14 -33.18 -15.57
CA THR A 54 -21.92 -33.75 -16.11
C THR A 54 -21.42 -33.13 -17.43
N GLY A 55 -22.25 -33.22 -18.48
CA GLY A 55 -21.90 -32.68 -19.77
C GLY A 55 -22.77 -31.47 -20.01
N ALA A 56 -23.90 -31.68 -20.67
CA ALA A 56 -24.79 -30.59 -21.07
C ALA A 56 -23.99 -29.35 -21.44
N PRO A 57 -24.23 -28.25 -20.72
CA PRO A 57 -23.53 -27.00 -20.98
C PRO A 57 -22.74 -26.52 -19.76
N LEU A 58 -22.88 -27.24 -18.65
CA LEU A 58 -22.18 -26.89 -17.42
C LEU A 58 -20.74 -27.41 -17.42
N ASN A 59 -20.59 -28.64 -17.85
CA ASN A 59 -19.28 -29.31 -17.90
C ASN A 59 -18.56 -29.37 -16.54
N LEU A 60 -19.33 -29.59 -15.49
CA LEU A 60 -18.77 -29.83 -14.17
C LEU A 60 -18.07 -31.19 -14.13
N THR A 61 -16.90 -31.24 -13.50
CA THR A 61 -16.25 -32.52 -13.24
C THR A 61 -17.00 -33.23 -12.12
N PRO A 62 -16.80 -34.55 -11.98
CA PRO A 62 -17.42 -35.25 -10.85
C PRO A 62 -16.95 -34.69 -9.51
N GLU A 63 -15.69 -34.28 -9.42
CA GLU A 63 -15.20 -33.72 -8.15
C GLU A 63 -15.95 -32.44 -7.79
N GLN A 64 -16.29 -31.64 -8.79
CA GLN A 64 -17.05 -30.42 -8.58
C GLN A 64 -18.48 -30.73 -8.14
N VAL A 65 -19.08 -31.74 -8.75
CA VAL A 65 -20.43 -32.15 -8.37
C VAL A 65 -20.46 -32.66 -6.92
N VAL A 66 -19.42 -33.41 -6.56
CA VAL A 66 -19.28 -33.93 -5.19
C VAL A 66 -19.10 -32.78 -4.20
N ALA A 67 -18.24 -31.82 -4.54
CA ALA A 67 -18.07 -30.63 -3.71
C ALA A 67 -19.37 -29.82 -3.51
N ILE A 68 -20.20 -29.67 -4.56
CA ILE A 68 -21.47 -28.97 -4.37
C ILE A 68 -22.47 -29.79 -3.54
N ALA A 69 -22.52 -31.10 -3.79
CA ALA A 69 -23.51 -31.97 -3.15
C ALA A 69 -23.31 -32.12 -1.66
N SER A 70 -22.06 -32.11 -1.22
CA SER A 70 -21.72 -32.55 0.13
C SER A 70 -21.81 -31.47 1.23
N HIS A 71 -22.94 -30.80 1.33
CA HIS A 71 -23.17 -29.83 2.38
C HIS A 71 -24.64 -29.89 2.71
N ASP A 72 -25.01 -29.24 3.82
CA ASP A 72 -26.42 -29.13 4.20
C ASP A 72 -27.11 -28.35 3.06
N GLY A 73 -28.22 -28.89 2.54
CA GLY A 73 -28.91 -28.26 1.44
C GLY A 73 -28.30 -28.53 0.07
N GLY A 74 -27.42 -29.52 -0.01
CA GLY A 74 -26.73 -29.84 -1.24
C GLY A 74 -27.67 -30.08 -2.40
N LYS A 75 -28.84 -30.65 -2.13
CA LYS A 75 -29.87 -30.78 -3.17
C LYS A 75 -30.23 -29.41 -3.79
N GLN A 76 -30.50 -28.47 -2.88
CA GLN A 76 -30.85 -27.10 -3.25
C GLN A 76 -29.70 -26.43 -4.03
N ALA A 77 -28.49 -26.56 -3.51
CA ALA A 77 -27.31 -26.02 -4.21
C ALA A 77 -27.10 -26.62 -5.61
N LEU A 78 -27.32 -27.92 -5.78
CA LEU A 78 -27.29 -28.56 -7.10
C LEU A 78 -28.31 -27.92 -8.07
N GLU A 79 -29.55 -27.82 -7.63
CA GLU A 79 -30.56 -27.15 -8.47
C GLU A 79 -30.12 -25.73 -8.88
N THR A 80 -29.67 -24.99 -7.87
CA THR A 80 -29.34 -23.59 -8.02
C THR A 80 -28.11 -23.41 -8.90
N VAL A 81 -27.16 -24.33 -8.86
CA VAL A 81 -25.99 -24.21 -9.70
C VAL A 81 -26.38 -24.47 -11.12
N GLN A 82 -27.17 -25.52 -11.37
CA GLN A 82 -27.55 -25.73 -12.78
C GLN A 82 -28.38 -24.56 -13.33
N ARG A 83 -29.11 -23.87 -12.45
CA ARG A 83 -29.83 -22.67 -12.87
C ARG A 83 -29.00 -21.36 -13.04
N LEU A 84 -28.06 -21.11 -12.14
CA LEU A 84 -27.44 -19.80 -12.04
C LEU A 84 -26.00 -19.75 -12.50
N LEU A 85 -25.39 -20.91 -12.73
CA LEU A 85 -24.01 -20.91 -13.21
C LEU A 85 -23.85 -20.17 -14.53
N PRO A 86 -24.70 -20.46 -15.52
CA PRO A 86 -24.60 -19.69 -16.77
C PRO A 86 -24.90 -18.20 -16.56
N VAL A 87 -25.91 -17.87 -15.76
CA VAL A 87 -26.25 -16.48 -15.43
C VAL A 87 -25.07 -15.69 -14.85
N LEU A 88 -24.38 -16.26 -13.85
CA LEU A 88 -23.29 -15.60 -13.15
C LEU A 88 -22.02 -15.50 -13.98
N CYS A 89 -21.81 -16.45 -14.87
CA CYS A 89 -20.64 -16.44 -15.71
C CYS A 89 -20.73 -15.43 -16.86
N GLN A 90 -21.92 -15.25 -17.42
CA GLN A 90 -22.07 -14.32 -18.56
C GLN A 90 -22.76 -12.99 -18.25
N ALA A 91 -23.54 -12.92 -17.18
CA ALA A 91 -24.14 -11.64 -16.80
C ALA A 91 -23.27 -10.88 -15.82
N HIS A 92 -22.36 -11.59 -15.14
CA HIS A 92 -21.56 -10.94 -14.10
C HIS A 92 -20.08 -11.14 -14.32
N GLY A 93 -19.72 -12.05 -15.21
CA GLY A 93 -18.33 -12.28 -15.55
C GLY A 93 -17.53 -13.19 -14.63
N LEU A 94 -18.23 -14.03 -13.85
CA LEU A 94 -17.53 -14.98 -12.98
C LEU A 94 -17.12 -16.21 -13.79
N THR A 95 -16.14 -16.96 -13.29
CA THR A 95 -15.72 -18.24 -13.89
C THR A 95 -16.58 -19.37 -13.31
N PRO A 96 -16.56 -20.55 -13.97
CA PRO A 96 -17.31 -21.63 -13.34
C PRO A 96 -16.66 -22.00 -12.01
N GLN A 97 -15.33 -21.94 -11.91
CA GLN A 97 -14.64 -22.24 -10.66
C GLN A 97 -15.14 -21.38 -9.50
N GLN A 98 -15.36 -20.10 -9.77
CA GLN A 98 -15.90 -19.19 -8.74
C GLN A 98 -17.32 -19.56 -8.33
N VAL A 99 -18.14 -19.92 -9.32
CA VAL A 99 -19.52 -20.29 -9.08
C VAL A 99 -19.55 -21.57 -8.20
N VAL A 100 -18.77 -22.56 -8.57
CA VAL A 100 -18.69 -23.80 -7.75
C VAL A 100 -18.20 -23.48 -6.33
N ALA A 101 -17.20 -22.61 -6.25
CA ALA A 101 -16.67 -22.16 -4.95
C ALA A 101 -17.76 -21.54 -4.09
N ILE A 102 -18.63 -20.74 -4.68
CA ILE A 102 -19.73 -20.14 -3.93
C ILE A 102 -20.71 -21.24 -3.51
N ALA A 103 -20.97 -22.17 -4.43
CA ALA A 103 -21.96 -23.23 -4.22
C ALA A 103 -21.57 -24.20 -3.09
N SER A 104 -20.27 -24.38 -2.88
CA SER A 104 -19.79 -25.50 -2.06
C SER A 104 -19.75 -25.23 -0.53
N HIS A 105 -20.85 -24.76 0.04
CA HIS A 105 -20.94 -24.53 1.48
C HIS A 105 -22.38 -24.81 1.85
N ASP A 106 -22.67 -25.03 3.14
CA ASP A 106 -24.07 -25.12 3.56
C ASP A 106 -24.85 -23.87 3.08
N GLY A 107 -26.09 -24.06 2.65
CA GLY A 107 -26.92 -22.95 2.20
C GLY A 107 -26.38 -22.31 0.93
N GLY A 108 -25.68 -23.12 0.12
CA GLY A 108 -25.09 -22.66 -1.12
C GLY A 108 -26.07 -21.97 -2.04
N LYS A 109 -27.30 -22.50 -2.12
CA LYS A 109 -28.40 -21.86 -2.86
C LYS A 109 -28.57 -20.39 -2.46
N GLN A 110 -28.64 -20.15 -1.15
CA GLN A 110 -28.81 -18.80 -0.62
C GLN A 110 -27.68 -17.87 -1.09
N ALA A 111 -26.44 -18.31 -0.90
CA ALA A 111 -25.27 -17.55 -1.33
C ALA A 111 -25.28 -17.25 -2.85
N LEU A 112 -25.53 -18.26 -3.67
CA LEU A 112 -25.63 -18.06 -5.13
C LEU A 112 -26.70 -17.04 -5.52
N GLU A 113 -27.89 -17.16 -4.91
CA GLU A 113 -28.97 -16.24 -5.26
C GLU A 113 -28.68 -14.83 -4.77
N THR A 114 -28.01 -14.73 -3.63
CA THR A 114 -27.69 -13.42 -3.09
C THR A 114 -26.57 -12.76 -3.86
N VAL A 115 -25.64 -13.55 -4.39
CA VAL A 115 -24.59 -13.02 -5.24
C VAL A 115 -25.23 -12.53 -6.54
N GLN A 116 -26.14 -13.33 -7.09
CA GLN A 116 -26.87 -12.90 -8.28
C GLN A 116 -27.61 -11.59 -8.02
N ARG A 117 -28.19 -11.44 -6.85
CA ARG A 117 -28.98 -10.25 -6.55
C ARG A 117 -28.19 -9.01 -6.12
N LEU A 118 -27.04 -9.20 -5.51
CA LEU A 118 -26.33 -8.09 -4.86
C LEU A 118 -25.00 -7.73 -5.50
N LEU A 119 -24.43 -8.62 -6.31
CA LEU A 119 -23.14 -8.30 -6.93
C LEU A 119 -23.14 -6.91 -7.58
N PRO A 120 -24.19 -6.57 -8.37
CA PRO A 120 -24.20 -5.22 -8.99
C PRO A 120 -24.15 -4.06 -8.02
N VAL A 121 -24.95 -4.08 -6.94
CA VAL A 121 -24.99 -2.95 -6.02
C VAL A 121 -23.70 -2.90 -5.21
N LEU A 122 -23.11 -4.06 -4.94
CA LEU A 122 -21.88 -4.11 -4.14
C LEU A 122 -20.68 -3.63 -4.95
N CYS A 123 -20.71 -3.85 -6.26
CA CYS A 123 -19.62 -3.36 -7.10
C CYS A 123 -19.84 -1.89 -7.55
N GLN A 124 -21.08 -1.54 -7.89
CA GLN A 124 -21.37 -0.19 -8.37
C GLN A 124 -21.58 0.86 -7.27
N ALA A 125 -22.50 0.59 -6.34
CA ALA A 125 -22.82 1.53 -5.28
C ALA A 125 -21.83 1.49 -4.10
N HIS A 126 -20.96 0.49 -4.07
CA HIS A 126 -20.11 0.27 -2.91
C HIS A 126 -18.64 0.14 -3.26
N GLY A 127 -18.35 0.00 -4.54
CA GLY A 127 -16.96 -0.03 -4.99
C GLY A 127 -16.23 -1.35 -4.84
N LEU A 128 -16.92 -2.41 -4.45
CA LEU A 128 -16.25 -3.71 -4.30
C LEU A 128 -15.94 -4.30 -5.67
N THR A 129 -14.93 -5.16 -5.75
CA THR A 129 -14.69 -5.93 -6.97
C THR A 129 -15.44 -7.26 -6.92
N PRO A 130 -15.60 -7.93 -8.09
CA PRO A 130 -16.25 -9.24 -8.09
C PRO A 130 -15.48 -10.26 -7.27
N GLU A 131 -14.16 -10.23 -7.33
CA GLU A 131 -13.34 -11.12 -6.54
C GLU A 131 -13.71 -11.01 -5.06
N GLN A 132 -13.85 -9.76 -4.60
CA GLN A 132 -14.17 -9.53 -3.20
C GLN A 132 -15.55 -10.07 -2.86
N VAL A 133 -16.49 -9.88 -3.77
CA VAL A 133 -17.84 -10.36 -3.54
C VAL A 133 -17.89 -11.90 -3.48
N VAL A 134 -17.08 -12.53 -4.33
CA VAL A 134 -16.98 -14.00 -4.39
C VAL A 134 -16.39 -14.49 -3.08
N ALA A 135 -15.31 -13.83 -2.62
CA ALA A 135 -14.70 -14.14 -1.34
C ALA A 135 -15.69 -14.02 -0.17
N ILE A 136 -16.47 -12.96 -0.10
CA ILE A 136 -17.48 -12.84 0.95
C ILE A 136 -18.53 -13.96 0.85
N ALA A 137 -18.94 -14.28 -0.37
CA ALA A 137 -19.99 -15.28 -0.59
C ALA A 137 -19.52 -16.70 -0.28
N SER A 138 -18.21 -16.92 -0.35
CA SER A 138 -17.70 -18.29 -0.39
C SER A 138 -17.48 -18.91 1.01
N HIS A 139 -18.48 -18.74 1.88
CA HIS A 139 -18.51 -19.35 3.20
C HIS A 139 -19.92 -19.62 3.66
N ASP A 140 -20.09 -20.51 4.64
CA ASP A 140 -21.41 -20.74 5.21
C ASP A 140 -21.98 -19.40 5.66
N GLY A 141 -23.28 -19.20 5.41
CA GLY A 141 -23.95 -17.95 5.78
C GLY A 141 -23.56 -16.81 4.86
N GLY A 142 -23.03 -17.15 3.69
CA GLY A 142 -22.56 -16.16 2.72
C GLY A 142 -23.60 -15.12 2.36
N LYS A 143 -24.86 -15.54 2.25
CA LYS A 143 -25.97 -14.61 2.05
C LYS A 143 -26.03 -13.55 3.15
N GLN A 144 -25.97 -13.99 4.40
CA GLN A 144 -25.95 -13.08 5.56
C GLN A 144 -24.78 -12.11 5.51
N ALA A 145 -23.60 -12.63 5.15
CA ALA A 145 -22.40 -11.79 5.10
C ALA A 145 -22.50 -10.74 3.98
N LEU A 146 -23.08 -11.13 2.86
CA LEU A 146 -23.26 -10.21 1.73
C LEU A 146 -24.25 -9.11 2.10
N GLU A 147 -25.40 -9.50 2.66
CA GLU A 147 -26.40 -8.48 3.04
C GLU A 147 -25.84 -7.56 4.11
N THR A 148 -25.02 -8.12 4.99
CA THR A 148 -24.46 -7.31 6.07
C THR A 148 -23.38 -6.34 5.57
N VAL A 149 -22.55 -6.79 4.64
CA VAL A 149 -21.58 -5.91 3.99
C VAL A 149 -22.31 -4.76 3.31
N GLN A 150 -23.37 -5.06 2.57
CA GLN A 150 -24.17 -4.00 1.94
C GLN A 150 -24.67 -3.02 2.98
N ALA A 151 -25.33 -3.55 4.02
CA ALA A 151 -25.88 -2.69 5.06
C ALA A 151 -24.83 -1.82 5.78
N LEU A 152 -23.67 -2.39 6.10
CA LEU A 152 -22.75 -1.81 7.08
C LEU A 152 -21.43 -1.20 6.54
N LEU A 153 -21.07 -1.50 5.30
CA LEU A 153 -19.81 -0.97 4.73
C LEU A 153 -19.62 0.55 4.93
N PRO A 154 -20.66 1.35 4.64
CA PRO A 154 -20.44 2.79 4.86
C PRO A 154 -20.18 3.18 6.33
N VAL A 155 -21.01 2.71 7.25
CA VAL A 155 -20.85 3.06 8.65
C VAL A 155 -19.54 2.52 9.26
N LEU A 156 -19.03 1.40 8.72
CA LEU A 156 -17.77 0.86 9.22
C LEU A 156 -16.59 1.68 8.73
N CYS A 157 -16.67 2.14 7.49
CA CYS A 157 -15.62 3.00 6.96
C CYS A 157 -15.72 4.43 7.51
N GLN A 158 -16.93 4.99 7.53
CA GLN A 158 -17.10 6.38 7.92
C GLN A 158 -17.15 6.58 9.42
N ALA A 159 -18.08 5.92 10.11
CA ALA A 159 -18.17 6.11 11.57
C ALA A 159 -17.03 5.44 12.32
N HIS A 160 -16.40 4.42 11.73
CA HIS A 160 -15.41 3.68 12.51
C HIS A 160 -14.01 3.63 11.92
N GLY A 161 -13.85 4.13 10.69
CA GLY A 161 -12.51 4.30 10.13
C GLY A 161 -11.88 3.08 9.50
N LEU A 162 -12.66 2.03 9.25
CA LEU A 162 -12.11 0.84 8.59
C LEU A 162 -11.98 1.12 7.11
N THR A 163 -11.05 0.42 6.43
CA THR A 163 -10.98 0.46 4.96
C THR A 163 -11.95 -0.56 4.39
N PRO A 164 -12.34 -0.43 3.11
CA PRO A 164 -13.16 -1.48 2.51
C PRO A 164 -12.48 -2.85 2.55
N GLU A 165 -11.15 -2.87 2.37
CA GLU A 165 -10.41 -4.13 2.44
C GLU A 165 -10.58 -4.80 3.80
N GLN A 166 -10.58 -3.98 4.86
CA GLN A 166 -10.72 -4.52 6.21
C GLN A 166 -12.10 -5.11 6.42
N VAL A 167 -13.12 -4.39 5.95
CA VAL A 167 -14.50 -4.85 6.04
C VAL A 167 -14.70 -6.17 5.30
N VAL A 168 -14.14 -6.25 4.10
CA VAL A 168 -14.18 -7.48 3.30
C VAL A 168 -13.48 -8.63 4.03
N ALA A 169 -12.32 -8.34 4.62
CA ALA A 169 -11.57 -9.37 5.36
C ALA A 169 -12.40 -9.90 6.54
N ILE A 170 -13.05 -8.99 7.25
CA ILE A 170 -13.91 -9.39 8.37
C ILE A 170 -15.08 -10.25 7.89
N ALA A 171 -15.68 -9.85 6.77
CA ALA A 171 -16.87 -10.51 6.27
C ALA A 171 -16.55 -11.90 5.70
N SER A 172 -15.30 -12.07 5.25
CA SER A 172 -14.92 -13.26 4.48
C SER A 172 -14.58 -14.46 5.37
N ASN A 173 -15.45 -14.74 6.33
CA ASN A 173 -15.31 -15.88 7.23
C ASN A 173 -16.71 -16.38 7.50
N GLY A 174 -16.84 -17.67 7.84
CA GLY A 174 -18.12 -18.15 8.37
C GLY A 174 -18.55 -17.30 9.54
N GLY A 175 -19.85 -17.03 9.66
CA GLY A 175 -20.33 -16.13 10.70
C GLY A 175 -19.92 -14.67 10.43
N GLY A 176 -19.61 -14.35 9.17
CA GLY A 176 -19.14 -12.99 8.86
C GLY A 176 -20.07 -11.89 9.33
N LYS A 177 -21.38 -12.09 9.17
CA LYS A 177 -22.40 -11.14 9.64
C LYS A 177 -22.22 -10.81 11.14
N GLN A 178 -22.07 -11.86 11.93
CA GLN A 178 -21.85 -11.72 13.38
C GLN A 178 -20.60 -10.90 13.70
N ALA A 179 -19.50 -11.21 13.03
CA ALA A 179 -18.25 -10.49 13.23
C ALA A 179 -18.38 -9.01 12.84
N LEU A 180 -19.05 -8.73 11.74
CA LEU A 180 -19.25 -7.33 11.30
C LEU A 180 -20.06 -6.53 12.33
N GLU A 181 -21.16 -7.12 12.81
CA GLU A 181 -22.01 -6.40 13.75
C GLU A 181 -21.29 -6.20 15.09
N THR A 182 -20.48 -7.18 15.44
CA THR A 182 -19.72 -7.11 16.67
C THR A 182 -18.61 -6.06 16.59
N VAL A 183 -17.89 -6.03 15.47
CA VAL A 183 -16.89 -4.98 15.26
C VAL A 183 -17.57 -3.62 15.34
N GLN A 184 -18.74 -3.49 14.71
CA GLN A 184 -19.44 -2.21 14.77
C GLN A 184 -19.66 -1.81 16.22
N ARG A 185 -20.19 -2.73 17.02
CA ARG A 185 -20.48 -2.37 18.41
C ARG A 185 -19.25 -2.16 19.30
N LEU A 186 -18.16 -2.87 19.03
CA LEU A 186 -17.07 -3.02 19.98
C LEU A 186 -15.77 -2.32 19.62
N LEU A 187 -15.62 -1.89 18.36
CA LEU A 187 -14.41 -1.20 17.94
C LEU A 187 -14.11 0.00 18.86
N PRO A 188 -15.11 0.88 19.09
CA PRO A 188 -14.82 2.02 19.97
C PRO A 188 -14.46 1.63 21.40
N VAL A 189 -15.08 0.59 21.94
CA VAL A 189 -14.78 0.10 23.28
C VAL A 189 -13.37 -0.45 23.34
N LEU A 190 -13.05 -1.37 22.43
CA LEU A 190 -11.73 -1.98 22.38
C LEU A 190 -10.63 -0.96 22.10
N CYS A 191 -10.90 0.01 21.22
CA CYS A 191 -9.87 0.97 20.85
C CYS A 191 -9.66 2.02 21.93
N GLN A 192 -10.76 2.62 22.39
CA GLN A 192 -10.69 3.73 23.34
C GLN A 192 -10.49 3.30 24.80
N ALA A 193 -11.13 2.22 25.20
CA ALA A 193 -10.99 1.77 26.59
C ALA A 193 -9.69 0.99 26.79
N HIS A 194 -9.25 0.27 25.76
CA HIS A 194 -8.12 -0.63 25.89
C HIS A 194 -6.91 -0.31 25.07
N GLY A 195 -6.97 0.74 24.26
CA GLY A 195 -5.79 1.16 23.54
C GLY A 195 -5.42 0.28 22.34
N LEU A 196 -6.30 -0.62 21.94
CA LEU A 196 -6.08 -1.43 20.73
C LEU A 196 -6.21 -0.56 19.48
N THR A 197 -5.36 -0.82 18.48
CA THR A 197 -5.50 -0.16 17.20
C THR A 197 -6.67 -0.82 16.47
N PRO A 198 -7.25 -0.13 15.50
CA PRO A 198 -8.28 -0.79 14.69
C PRO A 198 -7.72 -1.97 13.90
N GLN A 199 -6.43 -1.96 13.60
CA GLN A 199 -5.77 -3.08 12.95
C GLN A 199 -5.81 -4.35 13.81
N GLN A 200 -5.53 -4.19 15.09
CA GLN A 200 -5.62 -5.32 16.01
C GLN A 200 -7.04 -5.82 16.10
N VAL A 201 -8.00 -4.89 16.07
CA VAL A 201 -9.40 -5.26 16.20
C VAL A 201 -9.87 -6.03 14.96
N VAL A 202 -9.52 -5.54 13.78
CA VAL A 202 -9.80 -6.25 12.52
C VAL A 202 -9.15 -7.64 12.54
N ALA A 203 -7.92 -7.70 13.03
CA ALA A 203 -7.21 -8.98 13.13
C ALA A 203 -7.95 -9.97 14.02
N ILE A 204 -8.42 -9.53 15.18
CA ILE A 204 -9.24 -10.42 16.02
C ILE A 204 -10.53 -10.83 15.30
N ALA A 205 -11.16 -9.87 14.62
CA ALA A 205 -12.46 -10.09 13.98
C ALA A 205 -12.43 -10.97 12.73
N SER A 206 -11.24 -11.06 12.11
CA SER A 206 -11.08 -11.72 10.83
C SER A 206 -10.76 -13.22 10.92
N ASN A 207 -11.59 -13.94 11.65
CA ASN A 207 -11.49 -15.40 11.74
C ASN A 207 -12.92 -15.89 11.90
N GLY A 208 -13.14 -17.18 11.66
CA GLY A 208 -14.39 -17.78 12.07
C GLY A 208 -14.47 -17.59 13.57
N GLY A 209 -15.67 -17.38 14.10
CA GLY A 209 -15.86 -17.15 15.52
C GLY A 209 -15.37 -15.76 15.92
N GLY A 210 -15.33 -14.86 14.94
CA GLY A 210 -14.79 -13.53 15.15
C GLY A 210 -15.51 -12.82 16.27
N LYS A 211 -16.84 -12.89 16.24
CA LYS A 211 -17.66 -12.28 17.27
C LYS A 211 -17.32 -12.82 18.66
N GLN A 212 -17.15 -14.14 18.76
CA GLN A 212 -16.85 -14.73 20.06
C GLN A 212 -15.50 -14.21 20.58
N ALA A 213 -14.51 -14.16 19.70
CA ALA A 213 -13.18 -13.71 20.07
C ALA A 213 -13.18 -12.24 20.51
N LEU A 214 -13.93 -11.39 19.79
CA LEU A 214 -14.04 -9.97 20.15
C LEU A 214 -14.70 -9.77 21.51
N GLU A 215 -15.84 -10.43 21.72
CA GLU A 215 -16.52 -10.30 23.00
C GLU A 215 -15.66 -10.85 24.15
N THR A 216 -14.87 -11.88 23.86
CA THR A 216 -14.02 -12.49 24.90
C THR A 216 -12.79 -11.64 25.22
N VAL A 217 -12.24 -10.96 24.22
CA VAL A 217 -11.16 -10.03 24.49
C VAL A 217 -11.70 -8.88 25.32
N GLN A 218 -12.85 -8.37 24.93
CA GLN A 218 -13.52 -7.36 25.76
C GLN A 218 -13.67 -7.79 27.22
N ARG A 219 -14.18 -9.01 27.45
CA ARG A 219 -14.39 -9.46 28.82
C ARG A 219 -13.10 -9.72 29.62
N LEU A 220 -12.15 -10.39 28.98
CA LEU A 220 -10.98 -10.98 29.66
C LEU A 220 -9.71 -10.13 29.64
N LEU A 221 -9.65 -9.14 28.75
CA LEU A 221 -8.45 -8.31 28.61
C LEU A 221 -8.03 -7.71 29.96
N PRO A 222 -8.99 -7.10 30.70
CA PRO A 222 -8.58 -6.58 32.03
C PRO A 222 -8.01 -7.66 32.96
N VAL A 223 -8.69 -8.80 33.08
CA VAL A 223 -8.23 -9.83 34.00
C VAL A 223 -6.89 -10.42 33.56
N LEU A 224 -6.70 -10.55 32.25
CA LEU A 224 -5.48 -11.20 31.74
C LEU A 224 -4.27 -10.28 31.86
N CYS A 225 -4.49 -8.98 31.72
CA CYS A 225 -3.38 -8.03 31.72
C CYS A 225 -2.96 -7.58 33.12
N GLN A 226 -3.92 -7.43 34.01
CA GLN A 226 -3.59 -7.01 35.37
C GLN A 226 -3.09 -8.18 36.19
N ALA A 227 -3.87 -9.25 36.24
CA ALA A 227 -3.59 -10.37 37.12
C ALA A 227 -2.51 -11.31 36.62
N HIS A 228 -2.75 -11.90 35.45
CA HIS A 228 -1.86 -12.92 34.92
C HIS A 228 -0.60 -12.32 34.29
N GLY A 229 -0.58 -11.00 34.16
CA GLY A 229 0.61 -10.30 33.71
C GLY A 229 0.91 -10.49 32.23
N LEU A 230 -0.14 -10.54 31.42
CA LEU A 230 0.02 -10.60 29.97
C LEU A 230 -0.06 -9.19 29.43
N THR A 231 0.55 -8.96 28.28
CA THR A 231 0.44 -7.66 27.63
C THR A 231 -0.74 -7.68 26.66
N PRO A 232 -1.26 -6.49 26.30
CA PRO A 232 -2.35 -6.47 25.32
C PRO A 232 -1.92 -7.12 24.02
N GLN A 233 -0.69 -6.92 23.57
CA GLN A 233 -0.21 -7.57 22.36
C GLN A 233 -0.35 -9.10 22.43
N GLN A 234 -0.05 -9.68 23.59
CA GLN A 234 -0.15 -11.13 23.76
C GLN A 234 -1.61 -11.62 23.73
N VAL A 235 -2.49 -10.86 24.38
CA VAL A 235 -3.92 -11.14 24.35
C VAL A 235 -4.47 -11.07 22.92
N VAL A 236 -4.10 -10.03 22.17
CA VAL A 236 -4.51 -9.88 20.77
C VAL A 236 -4.01 -11.07 19.97
N ALA A 237 -2.75 -11.46 20.21
CA ALA A 237 -2.16 -12.58 19.48
C ALA A 237 -2.93 -13.88 19.73
N ILE A 238 -3.27 -14.15 20.99
CA ILE A 238 -4.11 -15.31 21.28
C ILE A 238 -5.47 -15.19 20.58
N ALA A 239 -6.10 -14.01 20.67
CA ALA A 239 -7.44 -13.84 20.11
C ALA A 239 -7.49 -13.95 18.59
N SER A 240 -6.37 -13.59 17.96
CA SER A 240 -6.26 -13.51 16.52
C SER A 240 -6.27 -14.86 15.79
N ASN A 241 -7.16 -15.75 16.22
CA ASN A 241 -7.29 -17.06 15.57
C ASN A 241 -8.68 -17.64 15.74
N GLY A 242 -9.03 -18.60 14.89
CA GLY A 242 -10.26 -19.34 15.05
C GLY A 242 -10.20 -19.99 16.41
N GLY A 243 -11.34 -20.09 17.08
CA GLY A 243 -11.37 -20.57 18.45
C GLY A 243 -10.65 -19.63 19.40
N GLY A 244 -10.52 -18.37 19.01
CA GLY A 244 -9.90 -17.37 19.86
C GLY A 244 -10.49 -17.36 21.25
N LYS A 245 -11.82 -17.33 21.33
CA LYS A 245 -12.51 -17.34 22.61
C LYS A 245 -12.04 -18.49 23.49
N GLN A 246 -12.04 -19.69 22.93
CA GLN A 246 -11.64 -20.91 23.63
C GLN A 246 -10.19 -20.85 24.09
N ALA A 247 -9.31 -20.37 23.20
CA ALA A 247 -7.90 -20.13 23.59
C ALA A 247 -7.72 -19.16 24.75
N LEU A 248 -8.38 -18.00 24.68
CA LEU A 248 -8.28 -17.00 25.74
C LEU A 248 -8.75 -17.55 27.09
N GLU A 249 -9.95 -18.13 27.11
CA GLU A 249 -10.47 -18.76 28.34
C GLU A 249 -9.53 -19.85 28.87
N THR A 250 -8.94 -20.62 27.95
CA THR A 250 -8.03 -21.67 28.40
C THR A 250 -6.72 -21.12 28.95
N VAL A 251 -6.27 -19.99 28.42
CA VAL A 251 -5.06 -19.34 28.89
C VAL A 251 -5.31 -18.82 30.27
N GLN A 252 -6.48 -18.21 30.48
CA GLN A 252 -6.85 -17.80 31.83
C GLN A 252 -6.79 -18.99 32.80
N ARG A 253 -7.41 -20.11 32.44
CA ARG A 253 -7.31 -21.29 33.32
C ARG A 253 -5.91 -21.88 33.57
N LEU A 254 -5.12 -22.02 32.51
CA LEU A 254 -3.96 -22.91 32.53
C LEU A 254 -2.61 -22.19 32.57
N LEU A 255 -2.64 -20.87 32.50
CA LEU A 255 -1.41 -20.11 32.57
C LEU A 255 -0.67 -20.41 33.88
N PRO A 256 -1.31 -20.23 35.02
CA PRO A 256 -0.54 -20.46 36.25
C PRO A 256 -0.25 -21.93 36.50
N VAL A 257 -1.12 -22.82 36.04
CA VAL A 257 -0.88 -24.25 36.19
C VAL A 257 0.39 -24.68 35.45
N LEU A 258 0.52 -24.22 34.20
CA LEU A 258 1.67 -24.54 33.35
C LEU A 258 2.97 -23.90 33.82
N CYS A 259 2.90 -22.63 34.23
CA CYS A 259 4.09 -21.93 34.69
C CYS A 259 4.60 -22.51 36.03
N GLN A 260 3.71 -22.67 37.00
CA GLN A 260 4.10 -23.16 38.32
C GLN A 260 4.56 -24.62 38.32
N ALA A 261 3.78 -25.49 37.69
CA ALA A 261 4.05 -26.93 37.75
C ALA A 261 5.12 -27.43 36.78
N HIS A 262 5.36 -26.68 35.70
CA HIS A 262 6.30 -27.13 34.67
C HIS A 262 7.36 -26.11 34.33
N GLY A 263 7.26 -24.91 34.90
CA GLY A 263 8.27 -23.91 34.70
C GLY A 263 8.27 -23.27 33.32
N LEU A 264 7.10 -23.21 32.69
CA LEU A 264 6.97 -22.48 31.43
C LEU A 264 6.92 -20.98 31.72
N THR A 265 7.32 -20.17 30.75
CA THR A 265 7.14 -18.74 30.82
C THR A 265 5.75 -18.43 30.32
N PRO A 266 5.23 -17.24 30.64
CA PRO A 266 4.00 -16.78 30.02
C PRO A 266 4.15 -16.70 28.49
N GLN A 267 5.33 -16.34 28.00
CA GLN A 267 5.52 -16.25 26.56
C GLN A 267 5.35 -17.62 25.90
N GLN A 268 5.88 -18.66 26.51
CA GLN A 268 5.67 -20.01 25.97
C GLN A 268 4.18 -20.39 25.96
N VAL A 269 3.47 -20.04 27.03
CA VAL A 269 2.03 -20.32 27.11
C VAL A 269 1.28 -19.61 25.99
N VAL A 270 1.60 -18.33 25.80
CA VAL A 270 1.01 -17.52 24.74
C VAL A 270 1.27 -18.16 23.38
N ALA A 271 2.52 -18.54 23.14
CA ALA A 271 2.88 -19.22 21.89
C ALA A 271 2.08 -20.50 21.65
N ILE A 272 1.95 -21.35 22.67
CA ILE A 272 1.10 -22.54 22.53
C ILE A 272 -0.33 -22.16 22.19
N ALA A 273 -0.85 -21.14 22.86
CA ALA A 273 -2.25 -20.75 22.71
C ALA A 273 -2.59 -20.07 21.38
N SER A 274 -1.58 -19.48 20.72
CA SER A 274 -1.80 -18.67 19.53
C SER A 274 -1.86 -19.51 18.26
N ASN A 275 -2.69 -20.54 18.29
CA ASN A 275 -2.90 -21.40 17.14
C ASN A 275 -4.36 -21.76 17.12
N ASN A 276 -4.87 -22.23 15.99
CA ASN A 276 -6.16 -22.87 15.96
C ASN A 276 -6.09 -24.01 16.95
N GLY A 277 -7.11 -24.20 17.77
CA GLY A 277 -7.04 -25.24 18.78
C GLY A 277 -6.05 -24.96 19.91
N GLY A 278 -5.77 -23.69 20.16
CA GLY A 278 -4.91 -23.31 21.27
C GLY A 278 -5.36 -23.97 22.57
N LYS A 279 -6.68 -24.05 22.76
CA LYS A 279 -7.26 -24.67 23.97
C LYS A 279 -6.79 -26.11 24.12
N GLN A 280 -7.02 -26.87 23.06
CA GLN A 280 -6.63 -28.26 22.99
C GLN A 280 -5.13 -28.43 23.26
N ALA A 281 -4.31 -27.59 22.61
CA ALA A 281 -2.86 -27.67 22.79
C ALA A 281 -2.44 -27.43 24.25
N LEU A 282 -3.01 -26.41 24.88
CA LEU A 282 -2.76 -26.15 26.29
C LEU A 282 -3.15 -27.36 27.18
N GLU A 283 -4.39 -27.84 27.05
CA GLU A 283 -4.84 -28.92 27.94
C GLU A 283 -4.00 -30.18 27.75
N THR A 284 -3.62 -30.42 26.49
CA THR A 284 -2.81 -31.58 26.19
C THR A 284 -1.40 -31.43 26.77
N VAL A 285 -0.84 -30.23 26.71
CA VAL A 285 0.47 -29.99 27.32
C VAL A 285 0.41 -30.28 28.82
N GLN A 286 -0.61 -29.71 29.47
CA GLN A 286 -0.78 -29.90 30.91
C GLN A 286 -0.83 -31.40 31.24
N ARG A 287 -1.58 -32.15 30.43
CA ARG A 287 -1.67 -33.61 30.61
C ARG A 287 -0.37 -34.39 30.34
N LEU A 288 0.28 -34.07 29.23
CA LEU A 288 1.21 -34.97 28.54
C LEU A 288 2.68 -34.62 28.74
N LEU A 289 2.97 -33.37 29.09
CA LEU A 289 4.36 -32.99 29.33
C LEU A 289 5.10 -33.94 30.27
N PRO A 290 4.52 -34.24 31.47
CA PRO A 290 5.24 -35.12 32.40
C PRO A 290 5.52 -36.49 31.82
N VAL A 291 4.58 -37.00 31.02
CA VAL A 291 4.70 -38.30 30.39
C VAL A 291 5.83 -38.31 29.34
N LEU A 292 5.80 -37.33 28.44
CA LEU A 292 6.78 -37.23 27.35
C LEU A 292 8.18 -36.93 27.85
N CYS A 293 8.28 -36.18 28.94
CA CYS A 293 9.59 -35.86 29.49
C CYS A 293 10.10 -36.96 30.41
N GLN A 294 9.24 -37.92 30.73
CA GLN A 294 9.60 -39.04 31.58
C GLN A 294 11.00 -39.55 31.26
N ALA A 295 11.52 -40.41 32.12
CA ALA A 295 12.83 -41.02 31.89
C ALA A 295 13.71 -40.19 30.97
N HIS A 296 14.05 -38.97 31.42
CA HIS A 296 14.90 -38.07 30.64
C HIS A 296 14.52 -38.05 29.16
N GLY A 297 13.30 -38.48 28.87
CA GLY A 297 12.78 -38.46 27.51
C GLY A 297 12.87 -37.05 26.96
N LEU A 298 11.92 -36.70 26.09
CA LEU A 298 11.88 -35.37 25.51
C LEU A 298 12.14 -34.34 26.59
N THR A 299 12.63 -33.18 26.19
CA THR A 299 12.78 -32.08 27.12
C THR A 299 11.53 -31.22 27.09
N PRO A 300 11.30 -30.46 28.14
CA PRO A 300 10.14 -29.55 28.17
C PRO A 300 10.12 -28.60 26.98
N GLN A 301 11.28 -28.03 26.65
CA GLN A 301 11.41 -27.11 25.52
C GLN A 301 10.92 -27.74 24.20
N GLN A 302 11.26 -29.01 24.00
CA GLN A 302 10.77 -29.75 22.84
C GLN A 302 9.25 -29.89 22.88
N VAL A 303 8.68 -30.18 24.06
CA VAL A 303 7.24 -30.35 24.14
C VAL A 303 6.55 -29.04 23.76
N VAL A 304 7.11 -27.94 24.27
CA VAL A 304 6.63 -26.58 24.02
C VAL A 304 6.69 -26.26 22.53
N ALA A 305 7.81 -26.61 21.90
CA ALA A 305 7.94 -26.41 20.47
C ALA A 305 6.87 -27.20 19.70
N ILE A 306 6.64 -28.47 20.06
CA ILE A 306 5.61 -29.25 19.36
C ILE A 306 4.24 -28.60 19.55
N ALA A 307 3.95 -28.16 20.77
CA ALA A 307 2.63 -27.61 21.07
C ALA A 307 2.46 -26.21 20.49
N SER A 308 3.56 -25.52 20.21
CA SER A 308 3.53 -24.14 19.75
C SER A 308 3.11 -23.96 18.30
N ASN A 309 2.53 -25.00 17.71
CA ASN A 309 2.01 -24.96 16.35
C ASN A 309 0.56 -25.41 16.26
N GLY A 310 0.03 -25.28 15.05
CA GLY A 310 -1.32 -25.73 14.75
C GLY A 310 -1.33 -27.23 14.94
N GLY A 311 -2.52 -27.79 15.22
CA GLY A 311 -2.63 -29.17 15.60
C GLY A 311 -1.61 -29.56 16.67
N GLY A 312 -1.45 -28.70 17.67
CA GLY A 312 -0.57 -29.01 18.78
C GLY A 312 -0.98 -30.32 19.44
N LYS A 313 -2.25 -30.42 19.86
CA LYS A 313 -2.76 -31.63 20.55
C LYS A 313 -2.53 -32.92 19.77
N GLN A 314 -2.91 -32.87 18.49
CA GLN A 314 -2.77 -34.02 17.61
C GLN A 314 -1.30 -34.44 17.48
N ALA A 315 -0.42 -33.45 17.35
CA ALA A 315 1.01 -33.71 17.25
C ALA A 315 1.59 -34.32 18.54
N LEU A 316 1.22 -33.75 19.68
CA LEU A 316 1.63 -34.29 20.98
C LEU A 316 1.19 -35.74 21.19
N GLU A 317 -0.09 -36.03 20.94
CA GLU A 317 -0.55 -37.39 21.15
C GLU A 317 0.14 -38.34 20.16
N THR A 318 0.36 -37.84 18.94
CA THR A 318 0.92 -38.73 17.93
C THR A 318 2.39 -39.03 18.23
N VAL A 319 3.10 -38.06 18.78
CA VAL A 319 4.47 -38.23 19.22
C VAL A 319 4.53 -39.19 20.40
N GLN A 320 3.61 -39.05 21.34
CA GLN A 320 3.51 -40.01 22.45
C GLN A 320 3.38 -41.42 21.92
N ARG A 321 2.53 -41.59 20.90
CA ARG A 321 2.27 -42.92 20.33
C ARG A 321 3.41 -43.48 19.47
N LEU A 322 4.12 -42.60 18.77
CA LEU A 322 4.98 -43.02 17.65
C LEU A 322 6.47 -42.78 17.83
N LEU A 323 6.88 -41.97 18.81
CA LEU A 323 8.31 -41.82 19.14
C LEU A 323 9.03 -43.19 19.22
N PRO A 324 8.49 -44.14 20.01
CA PRO A 324 9.14 -45.46 20.09
C PRO A 324 9.34 -46.15 18.75
N VAL A 325 8.28 -46.34 17.96
CA VAL A 325 8.39 -47.06 16.69
C VAL A 325 9.28 -46.36 15.66
N LEU A 326 9.15 -45.04 15.56
CA LEU A 326 9.98 -44.25 14.66
C LEU A 326 11.46 -44.36 15.06
N CYS A 327 11.73 -44.26 16.36
CA CYS A 327 13.11 -44.32 16.81
C CYS A 327 13.65 -45.74 16.75
N GLN A 328 12.87 -46.71 17.22
CA GLN A 328 13.29 -48.11 17.18
C GLN A 328 13.34 -48.67 15.76
N ALA A 329 12.16 -48.85 15.14
CA ALA A 329 12.05 -49.55 13.87
C ALA A 329 12.55 -48.76 12.65
N HIS A 330 12.49 -47.43 12.71
CA HIS A 330 12.85 -46.62 11.56
C HIS A 330 14.20 -45.94 11.76
N GLY A 331 14.72 -45.99 12.99
CA GLY A 331 16.02 -45.43 13.29
C GLY A 331 16.11 -43.91 13.23
N LEU A 332 15.04 -43.20 13.59
CA LEU A 332 15.11 -41.74 13.70
C LEU A 332 15.59 -41.36 15.09
N THR A 333 16.19 -40.19 15.21
CA THR A 333 16.50 -39.67 16.53
C THR A 333 15.21 -39.05 17.06
N PRO A 334 15.10 -38.88 18.38
CA PRO A 334 13.94 -38.14 18.89
C PRO A 334 13.94 -36.67 18.46
N GLN A 335 15.13 -36.10 18.24
CA GLN A 335 15.26 -34.78 17.67
C GLN A 335 14.55 -34.68 16.31
N GLN A 336 14.71 -35.70 15.48
CA GLN A 336 14.09 -35.70 14.16
C GLN A 336 12.57 -35.83 14.27
N VAL A 337 12.13 -36.70 15.18
CA VAL A 337 10.70 -36.86 15.43
C VAL A 337 10.09 -35.53 15.87
N VAL A 338 10.77 -34.83 16.76
CA VAL A 338 10.34 -33.51 17.20
C VAL A 338 10.25 -32.51 16.05
N ALA A 339 11.32 -32.39 15.27
CA ALA A 339 11.30 -31.53 14.07
C ALA A 339 10.11 -31.84 13.14
N ILE A 340 9.86 -33.12 12.88
CA ILE A 340 8.72 -33.52 12.06
C ILE A 340 7.39 -33.09 12.68
N ALA A 341 7.27 -33.27 13.99
CA ALA A 341 6.03 -32.89 14.71
C ALA A 341 5.77 -31.39 14.82
N SER A 342 6.79 -30.56 14.67
CA SER A 342 6.69 -29.14 15.03
C SER A 342 6.18 -28.23 13.91
N ASN A 343 5.02 -28.55 13.34
CA ASN A 343 4.45 -27.76 12.25
C ASN A 343 2.94 -27.97 12.25
N ASN A 344 2.20 -27.13 11.55
CA ASN A 344 0.79 -27.43 11.32
C ASN A 344 0.71 -28.83 10.72
N GLY A 345 -0.24 -29.64 11.15
CA GLY A 345 -0.41 -30.97 10.63
C GLY A 345 0.68 -31.96 11.01
N GLY A 346 1.33 -31.68 12.15
CA GLY A 346 2.43 -32.51 12.65
C GLY A 346 2.09 -33.98 12.70
N LYS A 347 0.90 -34.27 13.23
CA LYS A 347 0.37 -35.63 13.24
C LYS A 347 0.38 -36.31 11.86
N GLN A 348 -0.11 -35.58 10.86
CA GLN A 348 -0.21 -36.13 9.51
C GLN A 348 1.16 -36.47 8.97
N ALA A 349 2.10 -35.56 9.19
CA ALA A 349 3.46 -35.75 8.72
C ALA A 349 4.14 -36.92 9.44
N LEU A 350 3.92 -37.06 10.75
CA LEU A 350 4.50 -38.19 11.48
C LEU A 350 3.96 -39.51 10.94
N GLU A 351 2.64 -39.58 10.73
CA GLU A 351 2.06 -40.83 10.25
C GLU A 351 2.57 -41.17 8.85
N THR A 352 2.72 -40.12 8.05
CA THR A 352 3.17 -40.29 6.68
C THR A 352 4.64 -40.71 6.62
N VAL A 353 5.45 -40.19 7.52
CA VAL A 353 6.84 -40.64 7.60
C VAL A 353 6.87 -42.11 8.01
N GLN A 354 6.06 -42.47 9.01
CA GLN A 354 6.01 -43.86 9.45
C GLN A 354 5.68 -44.79 8.28
N ARG A 355 4.71 -44.37 7.45
CA ARG A 355 4.32 -45.16 6.28
C ARG A 355 5.32 -45.16 5.10
N LEU A 356 5.86 -43.98 4.76
CA LEU A 356 6.59 -43.76 3.51
C LEU A 356 8.12 -43.71 3.61
N LEU A 357 8.66 -43.60 4.83
CA LEU A 357 10.11 -43.63 5.04
C LEU A 357 10.75 -44.90 4.45
N PRO A 358 10.20 -46.09 4.76
CA PRO A 358 10.72 -47.30 4.11
C PRO A 358 10.61 -47.31 2.58
N VAL A 359 9.49 -46.85 2.04
CA VAL A 359 9.31 -46.83 0.59
C VAL A 359 10.21 -45.80 -0.10
N LEU A 360 10.20 -44.56 0.39
CA LEU A 360 10.99 -43.49 -0.22
C LEU A 360 12.48 -43.84 -0.21
N CYS A 361 12.91 -44.54 0.83
CA CYS A 361 14.30 -44.96 0.92
C CYS A 361 14.60 -46.10 -0.04
N GLN A 362 13.79 -47.15 0.03
CA GLN A 362 14.06 -48.38 -0.72
C GLN A 362 13.70 -48.24 -2.19
N ALA A 363 12.50 -47.74 -2.46
CA ALA A 363 11.99 -47.67 -3.82
C ALA A 363 12.55 -46.50 -4.62
N HIS A 364 12.85 -45.39 -3.94
CA HIS A 364 13.24 -44.14 -4.60
C HIS A 364 14.67 -43.69 -4.30
N GLY A 365 15.35 -44.40 -3.41
CA GLY A 365 16.74 -44.11 -3.10
C GLY A 365 16.99 -42.81 -2.34
N LEU A 366 16.04 -42.39 -1.50
CA LEU A 366 16.32 -41.26 -0.63
C LEU A 366 16.98 -41.73 0.68
N THR A 367 17.63 -40.79 1.37
CA THR A 367 18.11 -41.02 2.72
C THR A 367 16.98 -40.68 3.70
N PRO A 368 17.04 -41.26 4.92
CA PRO A 368 16.11 -40.90 6.00
C PRO A 368 16.17 -39.42 6.29
N GLU A 369 17.34 -38.82 6.10
CA GLU A 369 17.54 -37.39 6.33
C GLU A 369 16.72 -36.58 5.34
N GLN A 370 16.66 -37.07 4.11
CA GLN A 370 15.91 -36.38 3.07
C GLN A 370 14.42 -36.49 3.33
N VAL A 371 13.99 -37.67 3.74
CA VAL A 371 12.60 -37.88 4.13
C VAL A 371 12.21 -36.96 5.29
N VAL A 372 13.06 -36.87 6.31
CA VAL A 372 12.83 -35.98 7.47
C VAL A 372 12.74 -34.53 7.02
N ALA A 373 13.67 -34.11 6.15
CA ALA A 373 13.65 -32.72 5.67
C ALA A 373 12.37 -32.40 4.92
N ILE A 374 11.92 -33.33 4.09
CA ILE A 374 10.70 -33.10 3.36
C ILE A 374 9.53 -33.02 4.35
N ALA A 375 9.52 -33.92 5.32
CA ALA A 375 8.45 -33.99 6.32
C ALA A 375 8.41 -32.80 7.28
N SER A 376 9.53 -32.09 7.40
CA SER A 376 9.70 -31.10 8.47
C SER A 376 9.24 -29.68 8.12
N ASN A 377 8.22 -29.57 7.27
CA ASN A 377 7.58 -28.30 6.99
C ASN A 377 6.09 -28.49 7.13
N GLY A 378 5.33 -27.40 7.22
CA GLY A 378 3.89 -27.52 7.21
C GLY A 378 3.48 -28.20 5.91
N GLY A 379 2.44 -29.03 5.99
CA GLY A 379 2.00 -29.80 4.84
C GLY A 379 3.01 -30.88 4.44
N GLY A 380 3.86 -31.30 5.39
CA GLY A 380 4.85 -32.32 5.14
C GLY A 380 4.25 -33.59 4.55
N LYS A 381 3.09 -34.00 5.05
CA LYS A 381 2.40 -35.15 4.46
C LYS A 381 2.18 -35.01 2.95
N GLN A 382 1.63 -33.87 2.53
CA GLN A 382 1.38 -33.60 1.11
C GLN A 382 2.68 -33.63 0.29
N ALA A 383 3.71 -32.98 0.80
CA ALA A 383 5.00 -32.96 0.10
C ALA A 383 5.61 -34.38 -0.04
N LEU A 384 5.53 -35.18 1.02
CA LEU A 384 6.00 -36.57 0.96
C LEU A 384 5.21 -37.38 -0.07
N GLU A 385 3.88 -37.28 -0.04
CA GLU A 385 3.07 -38.05 -0.99
C GLU A 385 3.34 -37.60 -2.45
N THR A 386 3.61 -36.32 -2.60
CA THR A 386 3.85 -35.74 -3.94
C THR A 386 5.21 -36.16 -4.44
N VAL A 387 6.21 -36.23 -3.55
CA VAL A 387 7.53 -36.74 -3.93
C VAL A 387 7.44 -38.22 -4.35
N GLN A 388 6.71 -39.00 -3.56
CA GLN A 388 6.46 -40.39 -3.96
C GLN A 388 5.84 -40.43 -5.35
N ARG A 389 4.84 -39.59 -5.60
CA ARG A 389 4.12 -39.62 -6.87
C ARG A 389 4.91 -39.13 -8.09
N LEU A 390 5.79 -38.17 -7.88
CA LEU A 390 6.33 -37.38 -8.99
C LEU A 390 7.84 -37.47 -9.17
N LEU A 391 8.51 -38.14 -8.24
CA LEU A 391 9.95 -38.34 -8.36
C LEU A 391 10.30 -39.01 -9.70
N PRO A 392 9.62 -40.10 -10.04
CA PRO A 392 9.98 -40.76 -11.32
C PRO A 392 9.81 -39.87 -12.55
N VAL A 393 8.72 -39.11 -12.66
CA VAL A 393 8.51 -38.30 -13.85
C VAL A 393 9.42 -37.07 -13.85
N LEU A 394 9.64 -36.47 -12.68
CA LEU A 394 10.53 -35.29 -12.62
C LEU A 394 11.97 -35.64 -13.01
N CYS A 395 12.42 -36.81 -12.58
CA CYS A 395 13.78 -37.23 -12.89
C CYS A 395 13.90 -37.81 -14.29
N GLN A 396 13.06 -38.79 -14.59
CA GLN A 396 13.13 -39.50 -15.88
C GLN A 396 12.64 -38.68 -17.08
N ALA A 397 11.60 -37.88 -16.90
CA ALA A 397 11.05 -37.12 -18.03
C ALA A 397 11.55 -35.67 -18.14
N HIS A 398 11.90 -35.08 -17.02
CA HIS A 398 12.26 -33.67 -17.02
C HIS A 398 13.72 -33.44 -16.69
N GLY A 399 14.42 -34.53 -16.41
CA GLY A 399 15.86 -34.46 -16.25
C GLY A 399 16.36 -33.97 -14.89
N LEU A 400 15.45 -33.73 -13.95
CA LEU A 400 15.88 -33.26 -12.63
C LEU A 400 16.60 -34.36 -11.84
N THR A 401 17.55 -33.98 -10.98
CA THR A 401 18.19 -34.92 -10.07
C THR A 401 17.28 -35.11 -8.85
N PRO A 402 17.48 -36.20 -8.09
CA PRO A 402 16.68 -36.42 -6.89
C PRO A 402 16.95 -35.32 -5.89
N GLU A 403 18.18 -34.83 -5.88
CA GLU A 403 18.55 -33.72 -5.01
C GLU A 403 17.70 -32.46 -5.30
N GLN A 404 17.49 -32.18 -6.58
CA GLN A 404 16.69 -31.02 -6.99
C GLN A 404 15.23 -31.20 -6.56
N VAL A 405 14.70 -32.40 -6.76
CA VAL A 405 13.32 -32.71 -6.40
C VAL A 405 13.14 -32.53 -4.89
N VAL A 406 14.09 -33.08 -4.13
CA VAL A 406 14.06 -32.95 -2.67
C VAL A 406 14.08 -31.48 -2.28
N ALA A 407 14.96 -30.67 -2.89
CA ALA A 407 15.03 -29.25 -2.56
C ALA A 407 13.69 -28.55 -2.86
N ILE A 408 13.04 -28.92 -3.96
CA ILE A 408 11.75 -28.28 -4.27
C ILE A 408 10.71 -28.66 -3.22
N ALA A 409 10.80 -29.90 -2.78
CA ALA A 409 9.81 -30.46 -1.86
C ALA A 409 9.91 -29.91 -0.46
N SER A 410 11.09 -29.34 -0.12
CA SER A 410 11.46 -29.09 1.27
C SER A 410 11.15 -27.67 1.75
N HIS A 411 9.95 -27.21 1.44
CA HIS A 411 9.46 -25.90 1.87
C HIS A 411 7.97 -26.08 2.11
N ASP A 412 7.38 -25.13 2.85
CA ASP A 412 5.92 -25.04 2.92
C ASP A 412 5.33 -24.97 1.50
N GLY A 413 4.26 -25.71 1.25
CA GLY A 413 3.66 -25.74 -0.07
C GLY A 413 4.49 -26.55 -1.07
N GLY A 414 5.39 -27.40 -0.56
CA GLY A 414 6.22 -28.23 -1.43
C GLY A 414 5.42 -29.05 -2.44
N LYS A 415 4.29 -29.63 -2.02
CA LYS A 415 3.38 -30.30 -2.97
C LYS A 415 3.05 -29.40 -4.18
N GLN A 416 2.67 -28.15 -3.87
CA GLN A 416 2.32 -27.18 -4.91
C GLN A 416 3.51 -26.91 -5.85
N ALA A 417 4.66 -26.58 -5.27
CA ALA A 417 5.85 -26.30 -6.06
C ALA A 417 6.19 -27.48 -6.98
N LEU A 418 6.16 -28.69 -6.44
CA LEU A 418 6.44 -29.90 -7.23
C LEU A 418 5.47 -30.06 -8.41
N GLU A 419 4.18 -29.94 -8.13
CA GLU A 419 3.18 -30.11 -9.21
C GLU A 419 3.29 -29.04 -10.31
N THR A 420 3.62 -27.83 -9.87
CA THR A 420 3.75 -26.68 -10.76
C THR A 420 5.01 -26.75 -11.62
N VAL A 421 6.10 -27.25 -11.04
CA VAL A 421 7.31 -27.52 -11.80
C VAL A 421 7.03 -28.59 -12.83
N GLN A 422 6.40 -29.68 -12.41
CA GLN A 422 6.05 -30.73 -13.34
C GLN A 422 5.27 -30.16 -14.52
N ARG A 423 4.39 -29.22 -14.22
CA ARG A 423 3.50 -28.63 -15.21
C ARG A 423 4.16 -27.61 -16.13
N LEU A 424 5.04 -26.80 -15.58
CA LEU A 424 5.52 -25.59 -16.25
C LEU A 424 6.96 -25.64 -16.71
N LEU A 425 7.72 -26.63 -16.23
CA LEU A 425 9.12 -26.73 -16.65
C LEU A 425 9.30 -26.81 -18.18
N PRO A 426 8.46 -27.60 -18.88
CA PRO A 426 8.62 -27.64 -20.34
C PRO A 426 8.43 -26.29 -21.01
N VAL A 427 7.41 -25.52 -20.63
CA VAL A 427 7.23 -24.22 -21.28
C VAL A 427 8.28 -23.18 -20.84
N LEU A 428 8.69 -23.21 -19.56
CA LEU A 428 9.74 -22.30 -19.10
C LEU A 428 11.07 -22.53 -19.82
N CYS A 429 11.43 -23.80 -20.01
CA CYS A 429 12.72 -24.11 -20.59
C CYS A 429 12.69 -24.16 -22.10
N GLN A 430 11.80 -24.97 -22.66
CA GLN A 430 11.75 -25.13 -24.09
C GLN A 430 11.21 -23.89 -24.81
N ALA A 431 10.17 -23.29 -24.28
CA ALA A 431 9.53 -22.17 -24.99
C ALA A 431 10.15 -20.81 -24.70
N HIS A 432 10.83 -20.66 -23.56
CA HIS A 432 11.42 -19.37 -23.20
C HIS A 432 12.87 -19.44 -22.75
N GLY A 433 13.46 -20.63 -22.70
CA GLY A 433 14.90 -20.73 -22.48
C GLY A 433 15.40 -20.45 -21.06
N LEU A 434 14.52 -20.60 -20.08
CA LEU A 434 15.04 -20.68 -18.72
C LEU A 434 15.79 -22.00 -18.64
N THR A 435 16.80 -22.07 -17.78
CA THR A 435 17.48 -23.33 -17.54
C THR A 435 16.74 -24.07 -16.42
N PRO A 436 16.77 -25.42 -16.45
CA PRO A 436 16.18 -26.22 -15.38
C PRO A 436 16.65 -25.77 -14.00
N GLN A 437 17.94 -25.44 -13.85
CA GLN A 437 18.47 -24.85 -12.62
C GLN A 437 17.75 -23.58 -12.17
N GLN A 438 17.39 -22.71 -13.12
CA GLN A 438 16.70 -21.47 -12.76
C GLN A 438 15.29 -21.78 -12.27
N VAL A 439 14.64 -22.72 -12.94
CA VAL A 439 13.29 -23.13 -12.55
C VAL A 439 13.30 -23.73 -11.15
N VAL A 440 14.27 -24.63 -10.91
CA VAL A 440 14.48 -25.26 -9.62
C VAL A 440 14.74 -24.21 -8.52
N ALA A 441 15.60 -23.23 -8.82
CA ALA A 441 15.86 -22.17 -7.86
C ALA A 441 14.59 -21.37 -7.54
N ILE A 442 13.84 -20.99 -8.56
CA ILE A 442 12.59 -20.26 -8.29
C ILE A 442 11.65 -21.09 -7.41
N ALA A 443 11.56 -22.38 -7.70
CA ALA A 443 10.59 -23.22 -7.01
C ALA A 443 11.03 -23.65 -5.61
N SER A 444 12.32 -23.47 -5.31
CA SER A 444 12.86 -23.95 -4.05
C SER A 444 12.74 -22.90 -2.95
N ASN A 445 11.54 -22.36 -2.79
CA ASN A 445 11.27 -21.33 -1.78
C ASN A 445 9.81 -21.51 -1.40
N GLY A 446 9.43 -21.03 -0.22
CA GLY A 446 8.02 -20.88 0.10
C GLY A 446 7.38 -19.99 -0.95
N GLY A 447 6.14 -20.29 -1.31
CA GLY A 447 5.45 -19.65 -2.42
C GLY A 447 6.06 -19.95 -3.79
N GLY A 448 6.65 -21.14 -3.94
CA GLY A 448 7.29 -21.49 -5.19
C GLY A 448 6.31 -21.53 -6.34
N ARG A 449 5.13 -22.06 -6.08
CA ARG A 449 4.11 -22.17 -7.11
C ARG A 449 3.70 -20.81 -7.69
N PRO A 450 3.32 -19.84 -6.83
CA PRO A 450 2.90 -18.61 -7.51
C PRO A 450 4.05 -17.84 -8.11
N ALA A 451 5.28 -18.04 -7.64
CA ALA A 451 6.41 -17.35 -8.24
C ALA A 451 6.57 -17.89 -9.65
N LEU A 452 6.52 -19.22 -9.77
CA LEU A 452 6.58 -19.85 -11.10
C LEU A 452 5.45 -19.37 -12.03
N GLU A 453 4.24 -19.29 -11.48
CA GLU A 453 3.10 -18.84 -12.29
C GLU A 453 3.22 -17.36 -12.71
N SER A 454 3.77 -16.54 -11.84
CA SER A 454 4.00 -15.12 -12.16
C SER A 454 4.97 -15.03 -13.34
N ILE A 455 6.07 -15.77 -13.21
CA ILE A 455 7.06 -15.85 -14.29
C ILE A 455 6.44 -16.26 -15.64
N VAL A 456 5.74 -17.40 -15.65
CA VAL A 456 5.05 -17.85 -16.88
C VAL A 456 4.08 -16.81 -17.43
N ALA A 457 3.38 -16.12 -16.53
CA ALA A 457 2.46 -15.06 -16.92
C ALA A 457 3.21 -13.99 -17.70
N GLN A 458 4.35 -13.55 -17.15
CA GLN A 458 5.15 -12.51 -17.81
C GLN A 458 5.80 -12.95 -19.13
N LEU A 459 6.12 -14.24 -19.25
CA LEU A 459 6.68 -14.75 -20.50
C LEU A 459 5.65 -15.03 -21.61
N SER A 460 4.40 -15.29 -21.24
CA SER A 460 3.40 -15.63 -22.25
C SER A 460 2.39 -14.51 -22.59
N ARG A 461 2.20 -13.58 -21.66
CA ARG A 461 1.42 -12.37 -21.91
C ARG A 461 2.18 -11.22 -21.29
N PRO A 462 3.30 -10.81 -21.91
CA PRO A 462 4.17 -9.76 -21.36
C PRO A 462 3.44 -8.48 -20.94
N ASP A 463 3.66 -8.07 -19.70
CA ASP A 463 3.18 -6.80 -19.22
C ASP A 463 4.28 -5.77 -19.47
N PRO A 464 3.91 -4.64 -20.08
CA PRO A 464 4.88 -3.60 -20.41
C PRO A 464 5.73 -3.19 -19.21
N ALA A 465 5.14 -3.23 -18.02
CA ALA A 465 5.77 -2.80 -16.79
C ALA A 465 6.98 -3.64 -16.37
N LEU A 466 7.13 -4.82 -16.95
CA LEU A 466 8.21 -5.73 -16.61
C LEU A 466 9.20 -5.96 -17.75
N ALA A 467 8.89 -5.39 -18.92
CA ALA A 467 9.66 -5.63 -20.15
C ALA A 467 11.11 -5.14 -20.08
N ALA A 468 11.38 -4.19 -19.18
CA ALA A 468 12.73 -3.67 -18.98
C ALA A 468 13.65 -4.68 -18.30
N LEU A 469 13.06 -5.74 -17.74
CA LEU A 469 13.87 -6.76 -17.08
C LEU A 469 14.09 -7.94 -18.02
N THR A 470 15.33 -8.44 -18.04
CA THR A 470 15.68 -9.61 -18.81
C THR A 470 15.14 -10.86 -18.10
N ASN A 471 15.08 -11.98 -18.81
CA ASN A 471 14.69 -13.25 -18.20
C ASN A 471 15.49 -13.53 -16.93
N ASP A 472 16.80 -13.29 -16.98
CA ASP A 472 17.65 -13.51 -15.81
C ASP A 472 17.32 -12.59 -14.62
N HIS A 473 17.00 -11.33 -14.91
CA HIS A 473 16.58 -10.40 -13.86
C HIS A 473 15.25 -10.84 -13.25
N LEU A 474 14.32 -11.25 -14.11
CA LEU A 474 13.03 -11.77 -13.66
C LEU A 474 13.27 -12.97 -12.73
N VAL A 475 14.20 -13.84 -13.13
CA VAL A 475 14.56 -14.99 -12.30
C VAL A 475 15.11 -14.57 -10.93
N ALA A 476 16.05 -13.62 -10.93
CA ALA A 476 16.67 -13.17 -9.66
C ALA A 476 15.62 -12.58 -8.73
N LEU A 477 14.74 -11.78 -9.30
CA LEU A 477 13.62 -11.19 -8.55
C LEU A 477 12.70 -12.28 -7.99
N ALA A 478 12.37 -13.25 -8.83
CA ALA A 478 11.43 -14.30 -8.44
C ALA A 478 12.00 -15.14 -7.31
N CYS A 479 13.31 -15.38 -7.36
CA CYS A 479 14.00 -16.08 -6.28
C CYS A 479 14.05 -15.27 -5.01
N LEU A 480 14.37 -13.98 -5.13
CA LEU A 480 14.46 -13.10 -3.98
C LEU A 480 13.13 -12.89 -3.23
N GLY A 481 12.05 -12.67 -3.97
CA GLY A 481 10.79 -12.31 -3.32
C GLY A 481 9.52 -12.85 -3.92
N GLY A 482 9.64 -13.88 -4.76
CA GLY A 482 8.48 -14.58 -5.30
C GLY A 482 7.50 -13.72 -6.08
N ARG A 483 6.26 -14.17 -6.17
CA ARG A 483 5.20 -13.37 -6.80
C ARG A 483 5.09 -11.91 -6.27
N PRO A 484 5.14 -11.73 -4.93
CA PRO A 484 5.07 -10.35 -4.41
C PRO A 484 6.14 -9.39 -4.96
N ALA A 485 7.36 -9.88 -5.17
CA ALA A 485 8.40 -9.03 -5.76
C ALA A 485 8.02 -8.64 -7.18
N LEU A 486 7.56 -9.61 -7.97
CA LEU A 486 7.18 -9.34 -9.35
C LEU A 486 6.04 -8.32 -9.42
N ASP A 487 5.03 -8.51 -8.58
CA ASP A 487 3.87 -7.63 -8.59
C ASP A 487 4.24 -6.21 -8.13
N ALA A 488 5.13 -6.13 -7.14
CA ALA A 488 5.51 -4.84 -6.54
C ALA A 488 6.32 -4.03 -7.54
N VAL A 489 7.01 -4.72 -8.43
CA VAL A 489 7.82 -4.08 -9.46
C VAL A 489 6.93 -3.43 -10.52
N LYS A 490 5.82 -4.09 -10.85
CA LYS A 490 4.87 -3.52 -11.80
C LYS A 490 4.36 -2.17 -11.33
N LYS A 491 4.00 -2.09 -10.06
CA LYS A 491 3.44 -0.86 -9.49
C LYS A 491 4.49 0.23 -9.46
N LEU A 492 5.70 -0.13 -9.08
CA LEU A 492 6.79 0.81 -9.05
C LEU A 492 6.91 1.50 -10.40
N GLU A 493 6.86 0.71 -11.47
CA GLU A 493 6.98 1.27 -12.82
C GLU A 493 5.82 2.16 -13.22
N HIS A 494 4.62 1.86 -12.72
CA HIS A 494 3.47 2.67 -13.05
C HIS A 494 3.56 4.09 -12.53
N HIS A 495 3.96 4.22 -11.27
CA HIS A 495 4.13 5.51 -10.61
C HIS A 495 5.23 6.31 -11.22
N HIS A 496 6.37 5.64 -11.41
CA HIS A 496 7.60 6.26 -11.89
C HIS A 496 7.55 6.77 -13.31
N HIS A 497 6.71 6.16 -14.15
CA HIS A 497 6.62 6.53 -15.55
C HIS A 497 5.31 7.18 -15.84
N GLN D 2 22.66 59.24 7.89
CA GLN D 2 22.47 59.04 9.32
C GLN D 2 21.13 59.60 9.83
N TRP D 3 21.05 59.77 11.15
CA TRP D 3 19.82 60.14 11.85
C TRP D 3 19.07 61.34 11.26
N SER D 4 17.85 61.10 10.78
CA SER D 4 17.01 62.15 10.19
C SER D 4 15.55 61.71 10.08
N GLY D 5 14.67 62.67 9.77
CA GLY D 5 13.29 62.38 9.45
C GLY D 5 13.03 62.28 7.95
N ALA D 6 13.98 61.73 7.20
CA ALA D 6 13.83 61.58 5.74
C ALA D 6 12.57 60.79 5.42
N ARG D 7 11.95 61.07 4.27
CA ARG D 7 10.78 60.31 3.86
C ARG D 7 11.11 58.84 3.53
N ALA D 8 10.05 58.03 3.39
CA ALA D 8 10.19 56.58 3.31
C ALA D 8 11.04 56.14 2.12
N LEU D 9 10.71 56.63 0.93
CA LEU D 9 11.45 56.28 -0.27
C LEU D 9 12.90 56.73 -0.18
N GLU D 10 13.12 57.95 0.30
CA GLU D 10 14.47 58.49 0.41
C GLU D 10 15.28 57.68 1.41
N ALA D 11 14.66 57.32 2.53
CA ALA D 11 15.27 56.44 3.52
C ALA D 11 15.68 55.12 2.85
N LEU D 12 14.77 54.58 2.05
CA LEU D 12 14.99 53.30 1.38
C LEU D 12 16.19 53.38 0.43
N LEU D 13 16.17 54.37 -0.46
CA LEU D 13 17.21 54.52 -1.46
C LEU D 13 18.56 54.86 -0.84
N THR D 14 18.54 55.53 0.31
CA THR D 14 19.79 55.79 1.02
C THR D 14 20.37 54.50 1.59
N VAL D 15 19.54 53.74 2.31
CA VAL D 15 19.97 52.42 2.79
C VAL D 15 20.46 51.49 1.66
N ALA D 16 19.78 51.55 0.52
CA ALA D 16 20.10 50.71 -0.63
C ALA D 16 21.44 51.15 -1.21
N GLY D 17 21.67 52.46 -1.19
CA GLY D 17 22.90 53.03 -1.68
C GLY D 17 24.12 52.39 -1.05
N GLU D 18 24.07 52.16 0.26
CA GLU D 18 25.20 51.60 0.99
C GLU D 18 25.18 50.08 1.01
N LEU D 19 24.12 49.48 0.45
CA LEU D 19 23.98 48.02 0.42
C LEU D 19 24.40 47.40 -0.91
N ARG D 20 25.15 48.15 -1.71
CA ARG D 20 25.55 47.69 -3.03
C ARG D 20 26.80 46.81 -3.02
N GLY D 21 27.58 46.87 -1.96
CA GLY D 21 28.82 46.11 -1.85
C GLY D 21 28.82 45.10 -0.72
N PRO D 22 30.01 44.56 -0.37
CA PRO D 22 30.15 43.52 0.65
C PRO D 22 29.71 43.98 2.05
N PRO D 23 29.38 43.03 2.94
CA PRO D 23 29.41 41.58 2.77
C PRO D 23 28.17 41.13 2.01
N LEU D 24 27.30 42.09 1.76
CA LEU D 24 25.95 41.87 1.32
C LEU D 24 25.62 42.84 0.21
N GLN D 25 25.87 42.42 -1.03
CA GLN D 25 25.63 43.26 -2.19
C GLN D 25 24.25 42.97 -2.78
N LEU D 26 23.27 43.75 -2.37
CA LEU D 26 21.90 43.53 -2.81
C LEU D 26 21.57 44.28 -4.10
N ASP D 27 20.80 43.60 -4.94
CA ASP D 27 20.38 44.14 -6.23
C ASP D 27 19.03 44.80 -6.05
N THR D 28 18.48 45.30 -7.14
CA THR D 28 17.19 45.96 -7.12
C THR D 28 16.13 44.91 -6.87
N GLY D 29 16.33 43.72 -7.42
CA GLY D 29 15.40 42.63 -7.25
C GLY D 29 15.23 42.24 -5.79
N GLN D 30 16.35 41.94 -5.13
CA GLN D 30 16.30 41.59 -3.71
C GLN D 30 15.78 42.75 -2.87
N LEU D 31 16.17 43.96 -3.24
CA LEU D 31 15.71 45.16 -2.54
C LEU D 31 14.19 45.32 -2.57
N LEU D 32 13.63 45.24 -3.76
CA LEU D 32 12.19 45.32 -3.95
C LEU D 32 11.53 44.17 -3.22
N LYS D 33 12.11 42.99 -3.34
CA LYS D 33 11.56 41.80 -2.68
C LYS D 33 11.40 42.05 -1.19
N ILE D 34 12.47 42.54 -0.55
CA ILE D 34 12.41 42.86 0.87
C ILE D 34 11.38 43.96 1.15
N ALA D 35 11.37 45.01 0.32
CA ALA D 35 10.44 46.14 0.50
C ALA D 35 8.95 45.75 0.46
N LYS D 36 8.63 44.80 -0.40
CA LYS D 36 7.25 44.39 -0.62
C LYS D 36 6.63 43.68 0.57
N ARG D 37 7.46 43.04 1.39
CA ARG D 37 6.96 42.31 2.54
C ARG D 37 7.49 42.87 3.86
N GLY D 38 8.80 42.87 4.03
CA GLY D 38 9.40 43.37 5.25
C GLY D 38 9.45 44.89 5.36
N GLY D 39 9.32 45.56 4.23
CA GLY D 39 9.31 47.01 4.20
C GLY D 39 10.66 47.68 4.37
N VAL D 40 10.62 49.01 4.36
CA VAL D 40 11.81 49.82 4.59
C VAL D 40 12.40 49.46 5.95
N THR D 41 11.53 49.09 6.88
CA THR D 41 11.98 48.62 8.19
C THR D 41 12.97 47.47 8.05
N ALA D 42 12.57 46.45 7.30
CA ALA D 42 13.45 45.30 7.07
C ALA D 42 14.69 45.70 6.29
N VAL D 43 14.56 46.61 5.33
CA VAL D 43 15.77 47.03 4.60
C VAL D 43 16.80 47.68 5.55
N GLU D 44 16.30 48.56 6.43
CA GLU D 44 17.13 49.23 7.43
C GLU D 44 17.73 48.22 8.39
N ALA D 45 16.96 47.21 8.75
CA ALA D 45 17.46 46.17 9.65
C ALA D 45 18.62 45.42 8.99
N VAL D 46 18.43 45.07 7.73
CA VAL D 46 19.45 44.37 6.97
C VAL D 46 20.73 45.20 6.91
N HIS D 47 20.57 46.49 6.65
CA HIS D 47 21.71 47.41 6.65
C HIS D 47 22.43 47.43 7.98
N ALA D 48 21.64 47.59 9.05
CA ALA D 48 22.19 47.74 10.39
C ALA D 48 22.98 46.51 10.81
N TRP D 49 22.47 45.34 10.45
CA TRP D 49 23.02 44.08 10.96
C TRP D 49 23.80 43.23 9.95
N ARG D 50 24.07 43.74 8.75
CA ARG D 50 24.71 42.90 7.72
C ARG D 50 26.06 42.25 8.10
N ASN D 51 26.92 43.02 8.78
CA ASN D 51 28.21 42.48 9.20
C ASN D 51 28.09 41.38 10.24
N ALA D 52 27.28 41.58 11.28
CA ALA D 52 27.06 40.55 12.30
C ALA D 52 26.39 39.30 11.68
N LEU D 53 25.40 39.55 10.82
CA LEU D 53 24.67 38.48 10.15
C LEU D 53 25.57 37.59 9.26
N THR D 54 26.49 38.21 8.54
CA THR D 54 27.36 37.43 7.65
C THR D 54 28.68 36.97 8.29
N GLY D 55 29.05 37.59 9.42
CA GLY D 55 30.29 37.23 10.08
C GLY D 55 30.13 36.12 11.10
N ALA D 56 31.23 35.72 11.73
CA ALA D 56 31.20 34.68 12.75
C ALA D 56 30.45 35.13 14.02
N PRO D 57 29.77 34.20 14.71
CA PRO D 57 29.70 32.78 14.37
C PRO D 57 28.46 32.46 13.53
N LEU D 58 27.67 33.48 13.18
CA LEU D 58 26.43 33.26 12.42
C LEU D 58 26.68 32.75 11.00
N ASN D 59 27.51 33.47 10.24
CA ASN D 59 27.94 33.06 8.91
C ASN D 59 26.80 32.76 7.93
N LEU D 60 25.74 33.57 7.98
CA LEU D 60 24.63 33.44 7.05
C LEU D 60 25.01 34.02 5.68
N THR D 61 24.60 33.36 4.60
CA THR D 61 24.81 33.91 3.25
C THR D 61 23.86 35.08 3.00
N PRO D 62 24.17 35.93 2.00
CA PRO D 62 23.27 36.99 1.53
C PRO D 62 21.87 36.49 1.16
N GLU D 63 21.81 35.29 0.61
CA GLU D 63 20.54 34.67 0.24
C GLU D 63 19.72 34.34 1.48
N GLN D 64 20.37 33.79 2.50
CA GLN D 64 19.70 33.47 3.76
C GLN D 64 19.19 34.74 4.44
N VAL D 65 20.03 35.78 4.44
CA VAL D 65 19.63 37.08 4.98
C VAL D 65 18.42 37.67 4.25
N VAL D 66 18.46 37.70 2.92
CA VAL D 66 17.32 38.20 2.15
C VAL D 66 16.07 37.37 2.46
N ALA D 67 16.26 36.06 2.57
CA ALA D 67 15.16 35.14 2.85
C ALA D 67 14.51 35.42 4.20
N ILE D 68 15.31 35.76 5.20
CA ILE D 68 14.73 36.09 6.50
C ILE D 68 14.09 37.49 6.47
N ALA D 69 14.73 38.44 5.80
CA ALA D 69 14.28 39.82 5.78
C ALA D 69 12.95 40.01 5.05
N SER D 70 12.69 39.15 4.07
CA SER D 70 11.59 39.39 3.15
C SER D 70 10.25 38.80 3.60
N HIS D 71 9.82 39.17 4.80
CA HIS D 71 8.52 38.77 5.33
C HIS D 71 8.04 39.85 6.28
N ASP D 72 6.75 39.88 6.57
CA ASP D 72 6.22 40.80 7.58
C ASP D 72 6.95 40.51 8.87
N GLY D 73 7.36 41.56 9.55
CA GLY D 73 8.12 41.44 10.80
C GLY D 73 9.55 41.03 10.54
N GLY D 74 10.00 41.23 9.29
CA GLY D 74 11.35 40.88 8.91
C GLY D 74 12.42 41.37 9.87
N LYS D 75 12.32 42.62 10.31
CA LYS D 75 13.34 43.16 11.22
C LYS D 75 13.40 42.37 12.51
N GLN D 76 12.22 42.01 13.01
CA GLN D 76 12.08 41.25 14.25
C GLN D 76 12.73 39.89 14.10
N ALA D 77 12.51 39.24 12.97
CA ALA D 77 13.11 37.95 12.70
C ALA D 77 14.62 38.06 12.57
N LEU D 78 15.11 39.10 11.90
CA LEU D 78 16.55 39.29 11.79
C LEU D 78 17.20 39.47 13.16
N GLU D 79 16.55 40.25 14.02
CA GLU D 79 17.10 40.49 15.35
C GLU D 79 17.09 39.17 16.13
N THR D 80 15.96 38.48 16.04
CA THR D 80 15.75 37.25 16.79
C THR D 80 16.68 36.12 16.37
N VAL D 81 17.00 35.98 15.09
CA VAL D 81 17.87 34.86 14.69
C VAL D 81 19.31 35.04 15.19
N GLN D 82 19.76 36.29 15.32
CA GLN D 82 21.12 36.53 15.79
C GLN D 82 21.25 36.01 17.20
N ARG D 83 20.16 36.13 17.95
CA ARG D 83 20.08 35.63 19.31
C ARG D 83 19.93 34.11 19.34
N LEU D 84 18.92 33.61 18.63
CA LEU D 84 18.40 32.26 18.85
C LEU D 84 19.02 31.17 17.97
N LEU D 85 19.61 31.55 16.83
CA LEU D 85 20.32 30.55 16.03
C LEU D 85 21.43 29.84 16.82
N PRO D 86 22.28 30.61 17.53
CA PRO D 86 23.29 29.90 18.33
C PRO D 86 22.66 28.98 19.37
N VAL D 87 21.62 29.45 20.05
CA VAL D 87 20.95 28.66 21.09
C VAL D 87 20.39 27.37 20.52
N LEU D 88 19.57 27.52 19.49
CA LEU D 88 18.93 26.39 18.87
C LEU D 88 19.96 25.43 18.28
N CYS D 89 21.02 25.98 17.71
CA CYS D 89 22.06 25.13 17.13
C CYS D 89 22.91 24.47 18.21
N GLN D 90 23.48 25.25 19.12
CA GLN D 90 24.46 24.73 20.07
C GLN D 90 23.86 23.99 21.26
N ALA D 91 22.64 24.34 21.65
CA ALA D 91 22.01 23.67 22.79
C ALA D 91 21.00 22.60 22.38
N HIS D 92 20.53 22.63 21.14
CA HIS D 92 19.46 21.71 20.73
C HIS D 92 19.75 20.93 19.45
N GLY D 93 20.91 21.17 18.85
CA GLY D 93 21.35 20.38 17.72
C GLY D 93 20.64 20.62 16.41
N LEU D 94 19.84 21.68 16.34
CA LEU D 94 19.28 22.11 15.08
C LEU D 94 20.38 22.63 14.14
N THR D 95 20.23 22.41 12.82
CA THR D 95 21.16 23.01 11.85
C THR D 95 20.80 24.47 11.57
N PRO D 96 21.79 25.27 11.12
CA PRO D 96 21.50 26.64 10.70
C PRO D 96 20.44 26.69 9.61
N GLN D 97 20.45 25.72 8.70
CA GLN D 97 19.44 25.68 7.65
C GLN D 97 18.03 25.62 8.24
N GLN D 98 17.87 24.79 9.28
CA GLN D 98 16.58 24.60 9.92
C GLN D 98 16.16 25.90 10.62
N VAL D 99 17.11 26.54 11.28
CA VAL D 99 16.79 27.77 11.99
C VAL D 99 16.36 28.86 11.01
N VAL D 100 17.09 28.97 9.89
CA VAL D 100 16.73 29.91 8.85
C VAL D 100 15.35 29.62 8.25
N ALA D 101 15.08 28.33 8.02
CA ALA D 101 13.77 27.90 7.53
C ALA D 101 12.66 28.36 8.48
N ILE D 102 12.86 28.16 9.77
CA ILE D 102 11.90 28.66 10.77
C ILE D 102 11.75 30.20 10.71
N ALA D 103 12.87 30.90 10.53
CA ALA D 103 12.84 32.37 10.57
C ALA D 103 12.21 32.99 9.32
N SER D 104 12.18 32.24 8.23
CA SER D 104 11.82 32.81 6.92
C SER D 104 10.31 32.77 6.62
N HIS D 105 9.52 33.28 7.56
CA HIS D 105 8.07 33.34 7.43
C HIS D 105 7.60 34.57 8.17
N ASP D 106 6.39 35.04 7.85
CA ASP D 106 5.83 36.18 8.59
C ASP D 106 5.82 35.84 10.06
N GLY D 107 6.20 36.82 10.90
CA GLY D 107 6.29 36.62 12.33
C GLY D 107 7.29 35.56 12.73
N GLY D 108 8.38 35.43 11.96
CA GLY D 108 9.42 34.45 12.28
C GLY D 108 9.98 34.52 13.70
N LYS D 109 10.06 35.74 14.25
CA LYS D 109 10.53 35.91 15.63
C LYS D 109 9.72 35.02 16.59
N GLN D 110 8.41 35.04 16.38
CA GLN D 110 7.49 34.33 17.27
C GLN D 110 7.73 32.83 17.19
N ALA D 111 7.80 32.32 15.96
CA ALA D 111 8.12 30.91 15.72
C ALA D 111 9.44 30.49 16.37
N LEU D 112 10.50 31.30 16.19
CA LEU D 112 11.80 30.98 16.79
C LEU D 112 11.74 30.93 18.33
N GLU D 113 11.11 31.94 18.92
CA GLU D 113 10.97 31.95 20.38
C GLU D 113 10.16 30.75 20.88
N THR D 114 9.12 30.40 20.12
CA THR D 114 8.28 29.27 20.50
C THR D 114 9.00 27.93 20.34
N VAL D 115 9.85 27.80 19.34
CA VAL D 115 10.65 26.59 19.21
C VAL D 115 11.58 26.51 20.40
N GLN D 116 12.20 27.64 20.74
CA GLN D 116 13.06 27.68 21.93
C GLN D 116 12.30 27.15 23.16
N ARG D 117 11.10 27.67 23.40
CA ARG D 117 10.34 27.29 24.59
C ARG D 117 9.79 25.86 24.56
N LEU D 118 9.28 25.43 23.42
CA LEU D 118 8.49 24.20 23.31
C LEU D 118 9.24 22.96 22.85
N LEU D 119 10.32 23.15 22.10
CA LEU D 119 11.21 22.03 21.76
C LEU D 119 11.56 21.13 22.97
N PRO D 120 11.87 21.73 24.15
CA PRO D 120 12.15 20.83 25.29
C PRO D 120 10.93 20.07 25.85
N VAL D 121 9.70 20.48 25.51
CA VAL D 121 8.54 19.75 26.02
C VAL D 121 7.92 18.85 24.94
N LEU D 122 8.05 19.24 23.68
CA LEU D 122 7.54 18.45 22.56
C LEU D 122 8.45 17.25 22.24
N CYS D 123 9.74 17.38 22.52
CA CYS D 123 10.70 16.38 22.10
C CYS D 123 11.17 15.52 23.27
N GLN D 124 10.35 15.40 24.29
CA GLN D 124 10.64 14.45 25.36
C GLN D 124 10.39 13.03 24.87
N ALA D 125 10.67 12.04 25.72
CA ALA D 125 10.51 10.64 25.34
C ALA D 125 9.10 10.34 24.83
N HIS D 126 9.01 9.61 23.72
CA HIS D 126 7.74 9.25 23.08
C HIS D 126 6.98 10.47 22.56
N GLY D 127 7.71 11.53 22.21
CA GLY D 127 7.10 12.75 21.70
C GLY D 127 7.37 12.95 20.22
N LEU D 128 7.54 14.19 19.80
CA LEU D 128 7.82 14.49 18.40
C LEU D 128 9.33 14.48 18.17
N THR D 129 9.75 14.30 16.93
CA THR D 129 11.15 14.47 16.56
C THR D 129 11.44 15.96 16.32
N PRO D 130 12.71 16.37 16.51
CA PRO D 130 13.09 17.76 16.21
C PRO D 130 12.67 18.17 14.80
N GLU D 131 12.72 17.22 13.87
CA GLU D 131 12.34 17.48 12.48
C GLU D 131 10.88 17.81 12.38
N GLN D 132 10.06 17.11 13.18
CA GLN D 132 8.62 17.35 13.18
C GLN D 132 8.34 18.75 13.73
N VAL D 133 9.02 19.09 14.82
CA VAL D 133 8.88 20.43 15.41
C VAL D 133 9.29 21.53 14.43
N VAL D 134 10.38 21.32 13.71
CA VAL D 134 10.83 22.30 12.70
C VAL D 134 9.81 22.41 11.56
N ALA D 135 9.31 21.27 11.11
CA ALA D 135 8.28 21.29 10.06
C ALA D 135 7.07 22.09 10.50
N ILE D 136 6.57 21.85 11.72
CA ILE D 136 5.42 22.59 12.22
C ILE D 136 5.71 24.08 12.34
N ALA D 137 6.90 24.42 12.84
CA ALA D 137 7.25 25.84 13.05
C ALA D 137 7.51 26.65 11.78
N SER D 138 7.82 25.97 10.68
CA SER D 138 8.22 26.61 9.42
C SER D 138 7.04 27.06 8.53
N HIS D 139 6.09 27.77 9.14
CA HIS D 139 4.95 28.29 8.40
C HIS D 139 4.54 29.56 9.12
N ASP D 140 3.90 30.49 8.41
CA ASP D 140 3.33 31.65 9.08
C ASP D 140 2.44 31.16 10.23
N GLY D 141 2.47 31.87 11.35
CA GLY D 141 1.73 31.44 12.53
C GLY D 141 2.30 30.18 13.16
N GLY D 142 3.59 29.93 12.93
CA GLY D 142 4.25 28.75 13.45
C GLY D 142 4.12 28.61 14.94
N LYS D 143 4.20 29.74 15.65
CA LYS D 143 3.98 29.75 17.09
C LYS D 143 2.61 29.19 17.50
N GLN D 144 1.57 29.60 16.77
CA GLN D 144 0.21 29.16 17.06
C GLN D 144 0.08 27.65 16.81
N ALA D 145 0.61 27.19 15.69
CA ALA D 145 0.61 25.77 15.35
C ALA D 145 1.33 24.94 16.42
N LEU D 146 2.51 25.38 16.86
CA LEU D 146 3.27 24.65 17.90
C LEU D 146 2.52 24.59 19.23
N GLU D 147 2.00 25.73 19.68
CA GLU D 147 1.22 25.72 20.93
C GLU D 147 -0.01 24.83 20.82
N THR D 148 -0.62 24.80 19.64
CA THR D 148 -1.83 24.01 19.45
C THR D 148 -1.54 22.51 19.39
N VAL D 149 -0.43 22.13 18.78
CA VAL D 149 -0.02 20.72 18.81
C VAL D 149 0.26 20.31 20.25
N GLN D 150 0.98 21.16 20.98
CA GLN D 150 1.24 20.91 22.39
C GLN D 150 -0.07 20.63 23.13
N ALA D 151 -1.09 21.44 22.82
CA ALA D 151 -2.39 21.27 23.47
C ALA D 151 -3.24 20.05 23.05
N LEU D 152 -3.29 19.75 21.76
CA LEU D 152 -4.32 18.87 21.21
C LEU D 152 -3.78 17.54 20.71
N LEU D 153 -2.46 17.39 20.76
CA LEU D 153 -1.83 16.13 20.38
C LEU D 153 -2.40 14.98 21.20
N PRO D 154 -2.50 15.14 22.53
CA PRO D 154 -3.07 14.03 23.31
C PRO D 154 -4.53 13.73 22.99
N VAL D 155 -5.39 14.72 22.82
CA VAL D 155 -6.79 14.38 22.55
C VAL D 155 -7.01 13.85 21.13
N LEU D 156 -6.27 14.40 20.17
CA LEU D 156 -6.39 13.94 18.78
C LEU D 156 -5.94 12.48 18.64
N CYS D 157 -4.91 12.11 19.40
CA CYS D 157 -4.45 10.72 19.39
C CYS D 157 -5.31 9.79 20.24
N GLN D 158 -5.66 10.21 21.46
CA GLN D 158 -6.38 9.31 22.36
C GLN D 158 -7.87 9.20 22.06
N ALA D 159 -8.54 10.34 21.91
CA ALA D 159 -9.98 10.34 21.74
C ALA D 159 -10.39 10.10 20.28
N HIS D 160 -9.55 10.54 19.33
CA HIS D 160 -9.89 10.36 17.93
C HIS D 160 -9.01 9.37 17.18
N GLY D 161 -7.96 8.86 17.83
CA GLY D 161 -7.13 7.83 17.24
C GLY D 161 -6.26 8.25 16.06
N LEU D 162 -5.91 9.54 15.96
CA LEU D 162 -4.95 9.94 14.94
C LEU D 162 -3.56 9.50 15.40
N THR D 163 -2.67 9.24 14.45
CA THR D 163 -1.27 9.05 14.79
C THR D 163 -0.61 10.41 15.02
N PRO D 164 0.50 10.44 15.77
CA PRO D 164 1.28 11.67 15.88
C PRO D 164 1.62 12.22 14.50
N GLU D 165 1.92 11.33 13.55
CA GLU D 165 2.29 11.74 12.21
C GLU D 165 1.16 12.48 11.49
N GLN D 166 -0.07 12.02 11.68
CA GLN D 166 -1.21 12.73 11.10
C GLN D 166 -1.43 14.12 11.73
N VAL D 167 -1.32 14.20 13.06
CA VAL D 167 -1.44 15.47 13.76
C VAL D 167 -0.37 16.43 13.22
N VAL D 168 0.86 15.95 13.06
CA VAL D 168 1.94 16.80 12.50
C VAL D 168 1.59 17.26 11.07
N ALA D 169 1.08 16.35 10.24
CA ALA D 169 0.69 16.68 8.86
C ALA D 169 -0.36 17.79 8.83
N ILE D 170 -1.31 17.73 9.76
CA ILE D 170 -2.35 18.77 9.82
C ILE D 170 -1.72 20.11 10.29
N ALA D 171 -0.84 20.02 11.29
CA ALA D 171 -0.22 21.19 11.90
C ALA D 171 0.78 21.94 11.01
N SER D 172 1.31 21.23 10.01
CA SER D 172 2.43 21.72 9.20
C SER D 172 1.93 22.48 7.98
N ASN D 173 0.96 23.37 8.18
CA ASN D 173 0.45 24.22 7.13
C ASN D 173 0.21 25.59 7.71
N GLY D 174 0.22 26.62 6.85
CA GLY D 174 -0.32 27.90 7.25
C GLY D 174 -1.71 27.73 7.81
N GLY D 175 -2.00 28.42 8.91
CA GLY D 175 -3.25 28.29 9.64
C GLY D 175 -3.39 26.95 10.36
N GLY D 176 -2.27 26.28 10.63
CA GLY D 176 -2.29 24.97 11.26
C GLY D 176 -3.07 24.89 12.55
N LYS D 177 -3.05 25.97 13.33
CA LYS D 177 -3.79 25.97 14.59
C LYS D 177 -5.29 25.80 14.32
N GLN D 178 -5.76 26.52 13.30
CA GLN D 178 -7.18 26.49 12.92
C GLN D 178 -7.55 25.10 12.40
N ALA D 179 -6.65 24.51 11.62
CA ALA D 179 -6.92 23.19 11.06
C ALA D 179 -7.04 22.16 12.18
N LEU D 180 -6.12 22.22 13.16
CA LEU D 180 -6.15 21.29 14.29
C LEU D 180 -7.43 21.43 15.12
N GLU D 181 -7.75 22.66 15.50
CA GLU D 181 -8.97 22.87 16.28
C GLU D 181 -10.22 22.45 15.53
N THR D 182 -10.23 22.67 14.22
CA THR D 182 -11.42 22.33 13.44
C THR D 182 -11.55 20.81 13.26
N VAL D 183 -10.42 20.12 13.12
CA VAL D 183 -10.46 18.67 13.00
C VAL D 183 -11.00 18.08 14.28
N GLN D 184 -10.50 18.64 15.38
CA GLN D 184 -10.92 18.21 16.70
C GLN D 184 -12.41 18.43 16.91
N ARG D 185 -12.95 19.55 16.41
CA ARG D 185 -14.39 19.78 16.53
C ARG D 185 -15.29 18.99 15.57
N LEU D 186 -14.84 18.84 14.33
CA LEU D 186 -15.71 18.32 13.27
C LEU D 186 -15.58 16.84 12.94
N LEU D 187 -14.56 16.18 13.47
CA LEU D 187 -14.37 14.76 13.21
C LEU D 187 -15.64 13.97 13.49
N PRO D 188 -16.19 14.13 14.69
CA PRO D 188 -17.41 13.42 15.08
C PRO D 188 -18.55 13.66 14.09
N VAL D 189 -18.75 14.92 13.70
CA VAL D 189 -19.84 15.26 12.80
C VAL D 189 -19.63 14.80 11.37
N LEU D 190 -18.41 14.89 10.85
CA LEU D 190 -18.18 14.52 9.47
C LEU D 190 -18.15 12.99 9.28
N CYS D 191 -17.64 12.30 10.30
CA CYS D 191 -17.43 10.86 10.22
C CYS D 191 -18.60 10.04 10.78
N GLN D 192 -19.71 10.09 10.04
CA GLN D 192 -20.89 9.33 10.33
C GLN D 192 -21.33 8.71 9.01
N ALA D 193 -22.26 7.78 9.06
CA ALA D 193 -22.81 7.25 7.82
C ALA D 193 -23.29 8.42 6.97
N HIS D 194 -22.94 8.40 5.70
CA HIS D 194 -23.32 9.49 4.81
C HIS D 194 -22.37 10.64 4.92
N GLY D 195 -21.21 10.41 5.50
CA GLY D 195 -20.21 11.45 5.65
C GLY D 195 -18.88 11.05 5.06
N LEU D 196 -17.81 11.43 5.74
CA LEU D 196 -16.47 11.12 5.28
C LEU D 196 -15.82 10.13 6.21
N THR D 197 -14.74 9.52 5.77
CA THR D 197 -13.94 8.65 6.61
C THR D 197 -12.96 9.57 7.32
N PRO D 198 -12.42 9.13 8.47
CA PRO D 198 -11.40 9.90 9.17
C PRO D 198 -10.20 10.18 8.28
N GLN D 199 -9.88 9.24 7.40
CA GLN D 199 -8.77 9.41 6.47
C GLN D 199 -9.03 10.62 5.56
N GLN D 200 -10.28 10.78 5.11
CA GLN D 200 -10.65 11.87 4.19
C GLN D 200 -10.60 13.22 4.91
N VAL D 201 -11.05 13.24 6.17
CA VAL D 201 -11.00 14.46 6.99
C VAL D 201 -9.55 14.88 7.26
N VAL D 202 -8.71 13.91 7.55
CA VAL D 202 -7.28 14.20 7.73
C VAL D 202 -6.68 14.72 6.42
N ALA D 203 -7.01 14.10 5.29
CA ALA D 203 -6.50 14.60 4.00
C ALA D 203 -6.90 16.06 3.77
N ILE D 204 -8.17 16.38 4.01
CA ILE D 204 -8.64 17.74 3.84
C ILE D 204 -7.86 18.69 4.76
N ALA D 205 -7.72 18.30 6.02
CA ALA D 205 -7.02 19.14 7.00
C ALA D 205 -5.53 19.30 6.68
N SER D 206 -4.96 18.39 5.92
CA SER D 206 -3.51 18.31 5.78
C SER D 206 -3.04 18.93 4.48
N ASN D 207 -3.96 19.10 3.54
CA ASN D 207 -3.59 19.55 2.19
C ASN D 207 -3.62 21.05 1.94
N GLY D 208 -3.89 21.84 2.99
CA GLY D 208 -3.75 23.28 2.90
C GLY D 208 -5.04 24.09 2.94
N GLY D 209 -6.17 23.44 2.68
CA GLY D 209 -7.46 24.11 2.71
C GLY D 209 -7.92 24.33 4.14
N GLY D 210 -7.37 23.51 5.05
CA GLY D 210 -7.57 23.67 6.48
C GLY D 210 -8.99 23.88 6.99
N LYS D 211 -9.08 24.76 7.99
CA LYS D 211 -10.35 25.03 8.66
C LYS D 211 -11.45 25.37 7.65
N GLN D 212 -11.14 26.25 6.70
CA GLN D 212 -12.14 26.71 5.72
C GLN D 212 -12.67 25.54 4.89
N ALA D 213 -11.76 24.70 4.41
CA ALA D 213 -12.16 23.55 3.60
C ALA D 213 -13.01 22.58 4.41
N LEU D 214 -12.62 22.31 5.66
CA LEU D 214 -13.40 21.42 6.51
C LEU D 214 -14.81 21.96 6.82
N GLU D 215 -14.90 23.25 7.14
CA GLU D 215 -16.20 23.84 7.46
C GLU D 215 -17.10 23.86 6.23
N THR D 216 -16.48 24.10 5.08
CA THR D 216 -17.22 24.18 3.83
C THR D 216 -17.69 22.79 3.38
N VAL D 217 -16.87 21.77 3.57
CA VAL D 217 -17.35 20.40 3.36
C VAL D 217 -18.49 20.08 4.31
N GLN D 218 -18.34 20.40 5.59
CA GLN D 218 -19.43 20.16 6.56
C GLN D 218 -20.72 20.76 6.04
N ARG D 219 -20.63 21.99 5.54
CA ARG D 219 -21.80 22.72 5.04
C ARG D 219 -22.40 22.22 3.71
N LEU D 220 -21.53 21.87 2.75
CA LEU D 220 -21.94 21.70 1.36
C LEU D 220 -21.99 20.24 0.91
N LEU D 221 -21.35 19.35 1.66
CA LEU D 221 -21.38 17.92 1.31
C LEU D 221 -22.77 17.39 0.95
N PRO D 222 -23.77 17.60 1.85
CA PRO D 222 -25.05 16.99 1.50
C PRO D 222 -25.64 17.51 0.19
N VAL D 223 -25.54 18.80 -0.10
CA VAL D 223 -26.13 19.31 -1.33
C VAL D 223 -25.28 18.98 -2.56
N LEU D 224 -23.95 19.00 -2.40
CA LEU D 224 -23.06 18.66 -3.50
C LEU D 224 -23.20 17.19 -3.88
N CYS D 225 -23.43 16.35 -2.89
CA CYS D 225 -23.53 14.92 -3.11
C CYS D 225 -24.92 14.49 -3.55
N GLN D 226 -25.92 15.30 -3.21
CA GLN D 226 -27.28 14.92 -3.59
C GLN D 226 -27.72 15.69 -4.80
N ALA D 227 -28.19 16.92 -4.57
CA ALA D 227 -28.66 17.79 -5.66
C ALA D 227 -27.62 17.96 -6.78
N HIS D 228 -26.35 17.95 -6.45
CA HIS D 228 -25.34 18.15 -7.48
C HIS D 228 -24.71 16.88 -8.00
N GLY D 229 -25.07 15.75 -7.40
CA GLY D 229 -24.68 14.43 -7.89
C GLY D 229 -23.22 14.04 -7.79
N LEU D 230 -22.40 14.79 -7.05
CA LEU D 230 -20.99 14.42 -6.89
C LEU D 230 -20.81 13.25 -5.93
N THR D 231 -19.76 12.46 -6.07
CA THR D 231 -19.45 11.46 -5.04
C THR D 231 -18.74 12.13 -3.87
N PRO D 232 -18.78 11.52 -2.67
CA PRO D 232 -18.01 12.09 -1.56
C PRO D 232 -16.54 12.22 -1.94
N GLN D 233 -16.03 11.26 -2.69
CA GLN D 233 -14.65 11.24 -3.13
C GLN D 233 -14.27 12.46 -3.98
N GLN D 234 -15.18 12.87 -4.86
CA GLN D 234 -14.95 14.06 -5.69
C GLN D 234 -14.98 15.34 -4.83
N VAL D 235 -15.89 15.36 -3.86
CA VAL D 235 -15.98 16.51 -2.96
C VAL D 235 -14.68 16.63 -2.16
N VAL D 236 -14.16 15.49 -1.71
CA VAL D 236 -12.91 15.46 -0.93
C VAL D 236 -11.75 15.88 -1.82
N ALA D 237 -11.76 15.42 -3.07
CA ALA D 237 -10.74 15.81 -4.03
C ALA D 237 -10.72 17.32 -4.21
N ILE D 238 -11.88 17.93 -4.41
CA ILE D 238 -11.94 19.39 -4.55
C ILE D 238 -11.47 20.08 -3.26
N ALA D 239 -11.87 19.55 -2.11
CA ALA D 239 -11.54 20.20 -0.83
C ALA D 239 -10.08 20.08 -0.44
N SER D 240 -9.40 19.09 -1.02
CA SER D 240 -8.06 18.73 -0.56
C SER D 240 -6.96 19.58 -1.22
N ASN D 241 -7.21 20.88 -1.35
CA ASN D 241 -6.21 21.85 -1.78
C ASN D 241 -6.39 23.10 -0.94
N GLY D 242 -5.35 23.95 -0.88
CA GLY D 242 -5.49 25.25 -0.26
C GLY D 242 -6.55 26.03 -1.03
N GLY D 243 -7.34 26.84 -0.33
CA GLY D 243 -8.46 27.50 -0.97
C GLY D 243 -9.56 26.55 -1.40
N GLY D 244 -9.58 25.35 -0.78
CA GLY D 244 -10.59 24.36 -1.07
C GLY D 244 -12.00 24.92 -0.93
N LYS D 245 -12.21 25.74 0.10
CA LYS D 245 -13.50 26.39 0.31
C LYS D 245 -13.97 27.14 -0.95
N GLN D 246 -13.05 27.94 -1.51
CA GLN D 246 -13.35 28.72 -2.71
C GLN D 246 -13.78 27.83 -3.89
N ALA D 247 -12.98 26.80 -4.14
CA ALA D 247 -13.29 25.88 -5.21
C ALA D 247 -14.65 25.20 -4.97
N LEU D 248 -14.92 24.74 -3.75
CA LEU D 248 -16.18 24.04 -3.45
C LEU D 248 -17.37 24.95 -3.72
N GLU D 249 -17.32 26.18 -3.22
CA GLU D 249 -18.42 27.12 -3.45
C GLU D 249 -18.57 27.44 -4.92
N THR D 250 -17.44 27.44 -5.64
CA THR D 250 -17.50 27.73 -7.07
C THR D 250 -18.11 26.58 -7.85
N VAL D 251 -17.85 25.36 -7.41
CA VAL D 251 -18.42 24.18 -8.05
C VAL D 251 -19.92 24.17 -7.78
N GLN D 252 -20.30 24.53 -6.55
CA GLN D 252 -21.71 24.62 -6.25
C GLN D 252 -22.37 25.65 -7.17
N ARG D 253 -21.75 26.81 -7.38
CA ARG D 253 -22.36 27.82 -8.21
C ARG D 253 -22.36 27.52 -9.71
N LEU D 254 -21.29 26.92 -10.21
CA LEU D 254 -21.08 26.75 -11.66
C LEU D 254 -21.48 25.38 -12.24
N LEU D 255 -21.63 24.36 -11.40
CA LEU D 255 -22.13 23.07 -11.88
C LEU D 255 -23.44 23.21 -12.69
N PRO D 256 -24.41 24.03 -12.23
CA PRO D 256 -25.61 24.06 -13.07
C PRO D 256 -25.44 24.96 -14.30
N VAL D 257 -24.27 25.58 -14.45
CA VAL D 257 -24.00 26.40 -15.63
C VAL D 257 -23.22 25.64 -16.68
N LEU D 258 -22.08 25.11 -16.26
CA LEU D 258 -21.14 24.45 -17.16
C LEU D 258 -21.62 23.08 -17.57
N CYS D 259 -22.54 22.50 -16.80
CA CYS D 259 -22.99 21.13 -17.06
C CYS D 259 -24.34 21.11 -17.75
N GLN D 260 -24.56 22.08 -18.63
CA GLN D 260 -25.77 22.03 -19.45
C GLN D 260 -25.55 21.27 -20.74
N ALA D 261 -26.59 21.22 -21.58
CA ALA D 261 -26.57 20.43 -22.82
C ALA D 261 -25.27 20.64 -23.61
N HIS D 262 -24.56 19.53 -23.85
CA HIS D 262 -23.28 19.59 -24.55
C HIS D 262 -22.29 20.59 -23.89
N GLY D 263 -22.42 20.80 -22.58
CA GLY D 263 -21.43 21.53 -21.80
C GLY D 263 -20.40 20.55 -21.25
N LEU D 264 -19.89 20.81 -20.05
CA LEU D 264 -18.93 19.90 -19.45
C LEU D 264 -19.64 18.82 -18.63
N THR D 265 -18.93 17.73 -18.38
CA THR D 265 -19.43 16.75 -17.44
C THR D 265 -19.06 17.20 -16.03
N PRO D 266 -19.81 16.70 -15.04
CA PRO D 266 -19.42 16.92 -13.65
C PRO D 266 -17.95 16.54 -13.40
N GLN D 267 -17.50 15.45 -14.02
CA GLN D 267 -16.14 14.96 -13.83
C GLN D 267 -15.11 15.98 -14.32
N GLN D 268 -15.42 16.63 -15.44
CA GLN D 268 -14.55 17.68 -16.00
C GLN D 268 -14.47 18.89 -15.05
N VAL D 269 -15.63 19.32 -14.56
CA VAL D 269 -15.69 20.35 -13.53
C VAL D 269 -14.85 20.00 -12.28
N VAL D 270 -15.02 18.78 -11.76
CA VAL D 270 -14.26 18.33 -10.58
C VAL D 270 -12.76 18.42 -10.90
N ALA D 271 -12.38 17.97 -12.09
CA ALA D 271 -10.99 18.01 -12.54
C ALA D 271 -10.40 19.42 -12.54
N ILE D 272 -11.13 20.36 -13.13
CA ILE D 272 -10.71 21.75 -13.11
C ILE D 272 -10.61 22.25 -11.66
N ALA D 273 -11.61 21.97 -10.83
CA ALA D 273 -11.61 22.53 -9.47
C ALA D 273 -10.62 21.88 -8.49
N SER D 274 -10.12 20.69 -8.82
CA SER D 274 -9.25 19.98 -7.88
C SER D 274 -7.78 20.39 -8.06
N ASN D 275 -7.55 21.69 -8.11
CA ASN D 275 -6.19 22.25 -8.15
C ASN D 275 -6.19 23.49 -7.27
N ASN D 276 -5.00 23.90 -6.83
CA ASN D 276 -4.84 25.19 -6.20
C ASN D 276 -5.45 26.22 -7.14
N GLY D 277 -6.22 27.15 -6.59
CA GLY D 277 -6.91 28.14 -7.42
C GLY D 277 -7.95 27.53 -8.35
N GLY D 278 -8.54 26.41 -7.93
CA GLY D 278 -9.59 25.78 -8.72
C GLY D 278 -10.70 26.77 -9.00
N LYS D 279 -10.99 27.64 -8.04
CA LYS D 279 -11.99 28.69 -8.28
C LYS D 279 -11.63 29.55 -9.50
N GLN D 280 -10.40 30.05 -9.53
CA GLN D 280 -9.96 30.91 -10.62
C GLN D 280 -10.01 30.15 -11.95
N ALA D 281 -9.62 28.89 -11.91
CA ALA D 281 -9.60 28.08 -13.11
C ALA D 281 -11.03 27.89 -13.66
N LEU D 282 -11.98 27.58 -12.77
CA LEU D 282 -13.38 27.38 -13.18
C LEU D 282 -13.99 28.63 -13.77
N GLU D 283 -13.81 29.75 -13.06
CA GLU D 283 -14.34 31.02 -13.52
C GLU D 283 -13.74 31.46 -14.85
N THR D 284 -12.44 31.22 -15.02
CA THR D 284 -11.77 31.50 -16.29
C THR D 284 -12.24 30.56 -17.41
N VAL D 285 -12.57 29.32 -17.10
CA VAL D 285 -13.10 28.43 -18.13
C VAL D 285 -14.43 29.00 -18.60
N GLN D 286 -15.26 29.37 -17.63
CA GLN D 286 -16.56 29.93 -17.95
C GLN D 286 -16.38 31.15 -18.86
N ARG D 287 -15.46 32.03 -18.48
CA ARG D 287 -15.22 33.27 -19.23
C ARG D 287 -14.62 33.10 -20.63
N LEU D 288 -13.64 32.20 -20.77
CA LEU D 288 -12.83 32.16 -21.99
C LEU D 288 -13.06 30.97 -22.93
N LEU D 289 -13.77 29.93 -22.48
CA LEU D 289 -13.99 28.79 -23.39
C LEU D 289 -14.59 29.20 -24.76
N PRO D 290 -15.69 29.97 -24.76
CA PRO D 290 -16.20 30.41 -26.08
C PRO D 290 -15.17 31.19 -26.89
N VAL D 291 -14.39 32.08 -26.27
CA VAL D 291 -13.48 32.90 -27.08
C VAL D 291 -12.21 32.18 -27.57
N LEU D 292 -11.64 31.29 -26.75
CA LEU D 292 -10.51 30.48 -27.20
C LEU D 292 -10.91 29.53 -28.35
N CYS D 293 -12.14 29.02 -28.31
CA CYS D 293 -12.61 28.14 -29.36
C CYS D 293 -12.88 28.87 -30.68
N GLN D 294 -13.46 30.07 -30.61
CA GLN D 294 -13.71 30.87 -31.82
C GLN D 294 -12.40 31.40 -32.36
N ALA D 295 -11.86 32.37 -31.63
CA ALA D 295 -10.71 33.16 -32.06
C ALA D 295 -9.45 32.35 -32.37
N HIS D 296 -9.06 31.48 -31.45
CA HIS D 296 -7.78 30.79 -31.55
C HIS D 296 -7.89 29.37 -32.13
N GLY D 297 -9.13 28.91 -32.34
CA GLY D 297 -9.35 27.62 -32.97
C GLY D 297 -9.28 26.41 -32.07
N LEU D 298 -9.14 26.63 -30.76
CA LEU D 298 -9.10 25.50 -29.82
C LEU D 298 -10.46 24.82 -29.71
N THR D 299 -10.50 23.63 -29.13
CA THR D 299 -11.75 22.94 -28.87
C THR D 299 -12.03 23.00 -27.37
N PRO D 300 -13.31 22.81 -26.96
CA PRO D 300 -13.66 22.76 -25.54
C PRO D 300 -12.80 21.74 -24.77
N GLN D 301 -12.50 20.61 -25.40
CA GLN D 301 -11.66 19.59 -24.78
C GLN D 301 -10.28 20.14 -24.43
N GLN D 302 -9.67 20.88 -25.35
CA GLN D 302 -8.38 21.51 -25.09
C GLN D 302 -8.40 22.55 -23.98
N VAL D 303 -9.46 23.36 -23.99
CA VAL D 303 -9.66 24.34 -22.93
C VAL D 303 -9.74 23.65 -21.58
N VAL D 304 -10.50 22.55 -21.50
CA VAL D 304 -10.59 21.83 -20.24
C VAL D 304 -9.24 21.23 -19.86
N ALA D 305 -8.50 20.77 -20.87
CA ALA D 305 -7.18 20.19 -20.62
C ALA D 305 -6.24 21.20 -19.98
N ILE D 306 -6.25 22.43 -20.50
CA ILE D 306 -5.39 23.47 -19.96
C ILE D 306 -5.88 23.83 -18.55
N ALA D 307 -7.19 23.97 -18.39
CA ALA D 307 -7.74 24.35 -17.09
C ALA D 307 -7.50 23.28 -16.03
N SER D 308 -7.29 22.02 -16.44
CA SER D 308 -7.28 20.93 -15.48
C SER D 308 -6.00 20.79 -14.67
N ASN D 309 -5.13 21.80 -14.75
CA ASN D 309 -3.98 21.90 -13.85
C ASN D 309 -4.08 23.14 -12.98
N GLY D 310 -3.25 23.19 -11.95
CA GLY D 310 -3.12 24.38 -11.12
C GLY D 310 -2.44 25.44 -11.96
N GLY D 311 -2.76 26.72 -11.70
CA GLY D 311 -2.38 27.78 -12.60
C GLY D 311 -3.24 27.71 -13.86
N GLY D 312 -4.37 27.02 -13.76
CA GLY D 312 -5.34 26.97 -14.83
C GLY D 312 -5.64 28.34 -15.40
N LYS D 313 -6.10 29.27 -14.55
CA LYS D 313 -6.38 30.63 -15.00
C LYS D 313 -5.20 31.28 -15.73
N GLN D 314 -4.01 31.23 -15.13
CA GLN D 314 -2.83 31.86 -15.71
C GLN D 314 -2.50 31.27 -17.07
N ALA D 315 -2.65 29.95 -17.17
CA ALA D 315 -2.34 29.26 -18.42
C ALA D 315 -3.36 29.63 -19.51
N LEU D 316 -4.64 29.63 -19.17
CA LEU D 316 -5.70 30.00 -20.13
C LEU D 316 -5.53 31.45 -20.63
N GLU D 317 -5.24 32.37 -19.70
CA GLU D 317 -5.08 33.77 -20.11
C GLU D 317 -3.84 33.94 -20.98
N THR D 318 -2.79 33.20 -20.64
CA THR D 318 -1.54 33.28 -21.40
C THR D 318 -1.71 32.64 -22.79
N VAL D 319 -2.49 31.57 -22.91
CA VAL D 319 -2.79 31.01 -24.23
C VAL D 319 -3.54 32.06 -25.04
N GLN D 320 -4.55 32.67 -24.43
CA GLN D 320 -5.34 33.69 -25.12
C GLN D 320 -4.43 34.80 -25.65
N ARG D 321 -3.45 35.18 -24.84
CA ARG D 321 -2.56 36.29 -25.18
C ARG D 321 -1.45 35.94 -26.19
N LEU D 322 -0.87 34.76 -26.08
CA LEU D 322 0.35 34.41 -26.79
C LEU D 322 0.20 33.40 -27.92
N LEU D 323 -0.91 32.67 -27.98
CA LEU D 323 -1.09 31.70 -29.06
C LEU D 323 -0.84 32.28 -30.46
N PRO D 324 -1.38 33.49 -30.76
CA PRO D 324 -1.04 34.13 -32.04
C PRO D 324 0.45 34.23 -32.35
N VAL D 325 1.22 34.90 -31.48
CA VAL D 325 2.66 35.10 -31.74
C VAL D 325 3.42 33.79 -31.84
N LEU D 326 3.13 32.87 -30.92
CA LEU D 326 3.76 31.55 -30.96
C LEU D 326 3.47 30.82 -32.27
N CYS D 327 2.25 30.99 -32.76
CA CYS D 327 1.86 30.31 -33.98
C CYS D 327 2.42 31.00 -35.21
N GLN D 328 2.52 32.33 -35.17
CA GLN D 328 2.96 33.10 -36.31
C GLN D 328 4.43 33.51 -36.26
N ALA D 329 4.83 34.22 -35.21
CA ALA D 329 6.21 34.65 -35.06
C ALA D 329 7.19 33.49 -34.75
N HIS D 330 6.65 32.32 -34.41
CA HIS D 330 7.49 31.18 -34.05
C HIS D 330 7.06 29.88 -34.72
N GLY D 331 5.97 29.93 -35.47
CA GLY D 331 5.56 28.80 -36.30
C GLY D 331 5.14 27.52 -35.58
N LEU D 332 4.68 27.65 -34.34
CA LEU D 332 4.13 26.50 -33.64
C LEU D 332 2.67 26.29 -34.04
N THR D 333 2.16 25.10 -33.75
CA THR D 333 0.75 24.79 -33.96
C THR D 333 -0.02 24.99 -32.67
N PRO D 334 -1.33 25.23 -32.78
CA PRO D 334 -2.23 25.33 -31.62
C PRO D 334 -2.13 24.12 -30.71
N GLN D 335 -1.99 22.93 -31.27
CA GLN D 335 -1.81 21.73 -30.46
C GLN D 335 -0.52 21.79 -29.64
N GLN D 336 0.54 22.33 -30.24
CA GLN D 336 1.80 22.51 -29.49
C GLN D 336 1.66 23.52 -28.36
N VAL D 337 0.94 24.61 -28.63
CA VAL D 337 0.76 25.64 -27.62
C VAL D 337 -0.07 25.06 -26.47
N VAL D 338 -1.08 24.27 -26.81
CA VAL D 338 -1.91 23.66 -25.78
C VAL D 338 -1.08 22.69 -24.95
N ALA D 339 -0.26 21.89 -25.64
CA ALA D 339 0.62 20.95 -24.93
C ALA D 339 1.55 21.67 -23.95
N ILE D 340 2.09 22.81 -24.37
CA ILE D 340 2.96 23.57 -23.46
C ILE D 340 2.15 24.15 -22.29
N ALA D 341 0.91 24.55 -22.56
CA ALA D 341 0.08 25.21 -21.54
C ALA D 341 -0.46 24.22 -20.50
N SER D 342 -0.57 22.95 -20.89
CA SER D 342 -1.30 21.95 -20.08
C SER D 342 -0.46 21.31 -18.97
N ASN D 343 0.07 22.14 -18.09
CA ASN D 343 0.88 21.69 -16.96
C ASN D 343 0.88 22.78 -15.89
N ASN D 344 1.19 22.42 -14.65
CA ASN D 344 1.45 23.42 -13.65
C ASN D 344 2.47 24.37 -14.25
N GLY D 345 2.26 25.66 -14.09
CA GLY D 345 3.21 26.63 -14.63
C GLY D 345 3.14 26.80 -16.12
N GLY D 346 2.03 26.38 -16.73
CA GLY D 346 1.83 26.54 -18.17
C GLY D 346 2.15 27.95 -18.65
N LYS D 347 1.74 28.95 -17.87
CA LYS D 347 2.05 30.34 -18.18
C LYS D 347 3.54 30.57 -18.36
N GLN D 348 4.30 30.08 -17.38
CA GLN D 348 5.74 30.28 -17.33
C GLN D 348 6.39 29.55 -18.49
N ALA D 349 5.95 28.32 -18.72
CA ALA D 349 6.43 27.54 -19.85
C ALA D 349 6.21 28.29 -21.16
N LEU D 350 5.02 28.86 -21.35
CA LEU D 350 4.73 29.60 -22.60
C LEU D 350 5.59 30.85 -22.79
N GLU D 351 5.71 31.65 -21.73
CA GLU D 351 6.53 32.87 -21.83
C GLU D 351 7.99 32.51 -22.07
N THR D 352 8.44 31.40 -21.49
CA THR D 352 9.82 30.98 -21.67
C THR D 352 10.06 30.42 -23.07
N VAL D 353 9.06 29.75 -23.65
CA VAL D 353 9.19 29.32 -25.03
C VAL D 353 9.29 30.54 -25.93
N GLN D 354 8.42 31.52 -25.70
CA GLN D 354 8.44 32.75 -26.48
C GLN D 354 9.80 33.43 -26.41
N ARG D 355 10.32 33.59 -25.20
CA ARG D 355 11.61 34.24 -25.00
C ARG D 355 12.82 33.47 -25.57
N LEU D 356 12.83 32.15 -25.42
CA LEU D 356 14.04 31.36 -25.52
C LEU D 356 14.13 30.47 -26.76
N LEU D 357 13.00 30.24 -27.41
CA LEU D 357 12.99 29.43 -28.64
C LEU D 357 13.98 29.88 -29.75
N PRO D 358 14.17 31.20 -29.96
CA PRO D 358 15.16 31.61 -30.97
C PRO D 358 16.59 31.23 -30.60
N VAL D 359 17.03 31.61 -29.40
CA VAL D 359 18.40 31.34 -28.96
C VAL D 359 18.70 29.83 -28.93
N LEU D 360 17.72 29.01 -28.54
CA LEU D 360 17.88 27.56 -28.51
C LEU D 360 17.92 26.92 -29.90
N CYS D 361 17.13 27.44 -30.83
CA CYS D 361 17.08 26.87 -32.17
C CYS D 361 18.21 27.35 -33.07
N GLN D 362 18.61 28.61 -32.91
CA GLN D 362 19.71 29.17 -33.70
C GLN D 362 21.06 28.82 -33.08
N ALA D 363 21.33 29.39 -31.91
CA ALA D 363 22.66 29.34 -31.32
C ALA D 363 23.03 27.97 -30.77
N HIS D 364 22.04 27.18 -30.37
CA HIS D 364 22.29 25.85 -29.83
C HIS D 364 21.91 24.74 -30.82
N GLY D 365 21.13 25.08 -31.84
CA GLY D 365 20.82 24.14 -32.90
C GLY D 365 19.81 23.07 -32.53
N LEU D 366 18.92 23.39 -31.58
CA LEU D 366 17.79 22.52 -31.30
C LEU D 366 16.69 22.78 -32.32
N THR D 367 15.79 21.81 -32.46
CA THR D 367 14.62 21.98 -33.31
C THR D 367 13.45 22.48 -32.46
N PRO D 368 12.52 23.24 -33.09
CA PRO D 368 11.37 23.78 -32.36
C PRO D 368 10.59 22.64 -31.71
N GLU D 369 10.59 21.48 -32.36
CA GLU D 369 9.96 20.29 -31.81
C GLU D 369 10.62 19.88 -30.49
N GLN D 370 11.95 19.98 -30.43
CA GLN D 370 12.70 19.66 -29.22
C GLN D 370 12.40 20.66 -28.12
N VAL D 371 12.41 21.94 -28.48
CA VAL D 371 12.06 23.00 -27.54
C VAL D 371 10.66 22.76 -26.95
N VAL D 372 9.71 22.40 -27.80
CA VAL D 372 8.34 22.12 -27.34
C VAL D 372 8.30 20.90 -26.42
N ALA D 373 9.00 19.83 -26.80
CA ALA D 373 9.14 18.65 -25.95
C ALA D 373 9.62 19.03 -24.55
N ILE D 374 10.72 19.77 -24.48
CA ILE D 374 11.22 20.26 -23.19
C ILE D 374 10.19 21.10 -22.43
N ALA D 375 9.50 22.00 -23.13
CA ALA D 375 8.55 22.90 -22.47
C ALA D 375 7.25 22.21 -22.03
N SER D 376 6.95 21.05 -22.61
CA SER D 376 5.68 20.38 -22.34
C SER D 376 5.67 19.46 -21.11
N ASN D 377 6.36 19.86 -20.05
CA ASN D 377 6.26 19.18 -18.76
C ASN D 377 6.06 20.22 -17.66
N GLY D 378 5.68 19.76 -16.47
CA GLY D 378 5.69 20.63 -15.30
C GLY D 378 7.12 21.12 -15.07
N GLY D 379 7.26 22.39 -14.69
CA GLY D 379 8.58 22.95 -14.47
C GLY D 379 9.29 23.20 -15.80
N GLY D 380 8.50 23.37 -16.85
CA GLY D 380 9.02 23.48 -18.20
C GLY D 380 9.94 24.68 -18.39
N LYS D 381 9.57 25.81 -17.77
CA LYS D 381 10.43 27.00 -17.78
C LYS D 381 11.82 26.70 -17.21
N GLN D 382 11.84 25.99 -16.08
CA GLN D 382 13.08 25.63 -15.42
C GLN D 382 13.93 24.75 -16.32
N ALA D 383 13.27 23.82 -16.99
CA ALA D 383 13.92 22.89 -17.90
C ALA D 383 14.52 23.61 -19.12
N LEU D 384 13.76 24.52 -19.71
CA LEU D 384 14.26 25.34 -20.81
C LEU D 384 15.49 26.14 -20.39
N GLU D 385 15.37 26.90 -19.30
CA GLU D 385 16.50 27.73 -18.86
C GLU D 385 17.74 26.91 -18.54
N THR D 386 17.51 25.73 -17.96
CA THR D 386 18.61 24.85 -17.56
C THR D 386 19.27 24.21 -18.78
N VAL D 387 18.48 23.89 -19.81
CA VAL D 387 19.04 23.40 -21.07
C VAL D 387 19.87 24.49 -21.73
N GLN D 388 19.34 25.71 -21.73
CA GLN D 388 20.11 26.86 -22.24
C GLN D 388 21.45 27.00 -21.53
N ARG D 389 21.42 26.88 -20.21
CA ARG D 389 22.63 27.00 -19.39
C ARG D 389 23.66 25.87 -19.52
N LEU D 390 23.19 24.64 -19.56
CA LEU D 390 24.06 23.46 -19.44
C LEU D 390 24.29 22.65 -20.72
N LEU D 391 23.56 22.99 -21.77
CA LEU D 391 23.74 22.31 -23.05
C LEU D 391 25.21 22.27 -23.48
N PRO D 392 25.87 23.42 -23.54
CA PRO D 392 27.28 23.42 -23.95
C PRO D 392 28.22 22.65 -23.03
N VAL D 393 28.06 22.73 -21.71
CA VAL D 393 28.99 22.04 -20.84
C VAL D 393 28.74 20.52 -20.84
N LEU D 394 27.48 20.13 -20.99
CA LEU D 394 27.12 18.72 -21.04
C LEU D 394 27.63 18.09 -22.31
N CYS D 395 27.62 18.87 -23.39
CA CYS D 395 28.04 18.34 -24.67
C CYS D 395 29.56 18.39 -24.78
N GLN D 396 30.13 19.54 -24.45
CA GLN D 396 31.59 19.72 -24.55
C GLN D 396 32.40 18.90 -23.54
N ALA D 397 32.16 19.08 -22.24
CA ALA D 397 33.01 18.46 -21.24
C ALA D 397 32.64 17.00 -21.00
N HIS D 398 31.35 16.69 -21.01
CA HIS D 398 30.87 15.37 -20.62
C HIS D 398 30.54 14.48 -21.82
N GLY D 399 30.64 15.03 -23.02
CA GLY D 399 30.54 14.25 -24.23
C GLY D 399 29.14 13.81 -24.67
N LEU D 400 28.09 14.46 -24.13
CA LEU D 400 26.72 14.08 -24.48
C LEU D 400 26.31 14.66 -25.83
N THR D 401 25.30 14.06 -26.46
CA THR D 401 24.71 14.64 -27.67
C THR D 401 23.58 15.58 -27.27
N PRO D 402 23.22 16.51 -28.17
CA PRO D 402 22.06 17.36 -27.86
C PRO D 402 20.80 16.53 -27.70
N GLU D 403 20.68 15.44 -28.45
CA GLU D 403 19.55 14.54 -28.31
C GLU D 403 19.46 13.96 -26.89
N GLN D 404 20.60 13.59 -26.32
CA GLN D 404 20.63 13.07 -24.96
C GLN D 404 20.24 14.15 -23.95
N VAL D 405 20.72 15.37 -24.16
CA VAL D 405 20.40 16.47 -23.24
C VAL D 405 18.90 16.75 -23.30
N VAL D 406 18.35 16.78 -24.50
CA VAL D 406 16.91 16.96 -24.67
C VAL D 406 16.13 15.84 -23.98
N ALA D 407 16.64 14.61 -24.08
CA ALA D 407 15.97 13.47 -23.45
C ALA D 407 15.94 13.64 -21.92
N ILE D 408 17.09 13.96 -21.33
CA ILE D 408 17.14 14.22 -19.89
C ILE D 408 16.18 15.35 -19.48
N ALA D 409 16.07 16.37 -20.32
CA ALA D 409 15.28 17.55 -20.00
C ALA D 409 13.77 17.38 -20.15
N SER D 410 13.35 16.35 -20.87
CA SER D 410 11.96 16.29 -21.31
C SER D 410 11.02 15.51 -20.40
N HIS D 411 11.20 15.70 -19.08
CA HIS D 411 10.27 15.14 -18.08
C HIS D 411 10.05 16.16 -16.98
N ASP D 412 9.05 15.95 -16.11
CA ASP D 412 8.95 16.77 -14.90
C ASP D 412 10.27 16.73 -14.08
N GLY D 413 10.70 17.88 -13.55
CA GLY D 413 11.97 17.96 -12.86
C GLY D 413 13.18 17.90 -13.78
N GLY D 414 13.00 18.30 -15.03
CA GLY D 414 14.09 18.28 -16.01
C GLY D 414 15.34 19.00 -15.54
N LYS D 415 15.13 20.17 -14.96
CA LYS D 415 16.23 20.94 -14.37
C LYS D 415 17.06 20.10 -13.38
N GLN D 416 16.36 19.43 -12.45
CA GLN D 416 17.05 18.65 -11.42
C GLN D 416 17.82 17.50 -12.06
N ALA D 417 17.19 16.85 -13.03
CA ALA D 417 17.82 15.76 -13.73
C ALA D 417 19.12 16.21 -14.44
N LEU D 418 19.05 17.31 -15.18
CA LEU D 418 20.23 17.85 -15.87
C LEU D 418 21.35 18.20 -14.90
N GLU D 419 21.00 18.91 -13.83
CA GLU D 419 22.02 19.30 -12.87
C GLU D 419 22.66 18.09 -12.20
N THR D 420 21.84 17.06 -11.98
CA THR D 420 22.33 15.86 -11.31
C THR D 420 23.23 15.04 -12.23
N VAL D 421 22.84 14.92 -13.49
CA VAL D 421 23.68 14.28 -14.51
C VAL D 421 25.03 14.98 -14.52
N GLN D 422 25.00 16.31 -14.51
CA GLN D 422 26.24 17.08 -14.52
C GLN D 422 27.09 16.74 -13.29
N ARG D 423 26.48 16.66 -12.11
CA ARG D 423 27.22 16.28 -10.91
C ARG D 423 27.83 14.87 -10.95
N LEU D 424 27.06 13.90 -11.43
CA LEU D 424 27.32 12.50 -11.11
C LEU D 424 27.80 11.64 -12.26
N LEU D 425 27.69 12.14 -13.49
CA LEU D 425 28.18 11.41 -14.66
C LEU D 425 29.60 10.88 -14.49
N PRO D 426 30.54 11.72 -13.99
CA PRO D 426 31.91 11.19 -13.86
C PRO D 426 32.07 10.04 -12.85
N VAL D 427 31.48 10.16 -11.66
CA VAL D 427 31.60 9.08 -10.68
C VAL D 427 30.89 7.81 -11.15
N LEU D 428 29.73 7.94 -11.79
CA LEU D 428 29.03 6.76 -12.27
C LEU D 428 29.81 6.06 -13.37
N CYS D 429 30.44 6.85 -14.25
CA CYS D 429 31.16 6.30 -15.39
C CYS D 429 32.58 5.86 -15.02
N GLN D 430 33.33 6.75 -14.37
CA GLN D 430 34.74 6.51 -14.09
C GLN D 430 35.01 5.59 -12.88
N ALA D 431 34.07 5.55 -11.95
CA ALA D 431 34.26 4.79 -10.72
C ALA D 431 33.45 3.49 -10.69
N HIS D 432 32.31 3.48 -11.37
CA HIS D 432 31.42 2.32 -11.32
C HIS D 432 31.15 1.70 -12.70
N GLY D 433 31.74 2.27 -13.73
CA GLY D 433 31.76 1.64 -15.04
C GLY D 433 30.47 1.72 -15.83
N LEU D 434 29.56 2.60 -15.42
CA LEU D 434 28.36 2.84 -16.22
C LEU D 434 28.79 3.57 -17.50
N THR D 435 27.93 3.57 -18.50
CA THR D 435 28.18 4.40 -19.66
C THR D 435 27.36 5.68 -19.56
N PRO D 436 27.77 6.71 -20.32
CA PRO D 436 26.90 7.88 -20.47
C PRO D 436 25.51 7.48 -20.93
N GLN D 437 25.42 6.53 -21.86
CA GLN D 437 24.12 6.03 -22.32
C GLN D 437 23.24 5.52 -21.18
N GLN D 438 23.84 4.79 -20.23
CA GLN D 438 23.12 4.24 -19.09
C GLN D 438 22.68 5.33 -18.10
N VAL D 439 23.58 6.26 -17.82
CA VAL D 439 23.26 7.41 -16.98
C VAL D 439 22.09 8.21 -17.59
N VAL D 440 22.21 8.56 -18.86
CA VAL D 440 21.14 9.21 -19.62
C VAL D 440 19.82 8.44 -19.53
N ALA D 441 19.89 7.13 -19.72
CA ALA D 441 18.72 6.27 -19.55
C ALA D 441 18.06 6.45 -18.17
N ILE D 442 18.86 6.38 -17.10
CA ILE D 442 18.33 6.57 -15.75
C ILE D 442 17.71 7.97 -15.54
N ALA D 443 18.46 9.00 -15.92
CA ALA D 443 18.03 10.38 -15.75
C ALA D 443 16.79 10.72 -16.55
N SER D 444 16.58 10.02 -17.66
CA SER D 444 15.50 10.36 -18.59
C SER D 444 14.12 9.84 -18.17
N ASN D 445 13.70 10.21 -16.95
CA ASN D 445 12.35 9.89 -16.47
C ASN D 445 12.02 10.95 -15.43
N GLY D 446 10.75 11.11 -15.11
CA GLY D 446 10.38 11.80 -13.89
C GLY D 446 11.15 11.17 -12.73
N GLY D 447 11.58 11.97 -11.77
CA GLY D 447 12.35 11.45 -10.66
C GLY D 447 13.77 11.08 -11.02
N GLY D 448 14.28 11.65 -12.12
CA GLY D 448 15.63 11.34 -12.58
C GLY D 448 16.70 11.62 -11.55
N ARG D 449 16.61 12.77 -10.89
CA ARG D 449 17.60 13.13 -9.89
C ARG D 449 17.72 12.12 -8.74
N PRO D 450 16.60 11.81 -8.06
CA PRO D 450 16.74 10.82 -6.99
C PRO D 450 17.06 9.41 -7.51
N ALA D 451 16.68 9.09 -8.75
CA ALA D 451 17.07 7.79 -9.30
C ALA D 451 18.60 7.73 -9.36
N LEU D 452 19.21 8.79 -9.93
CA LEU D 452 20.66 8.87 -9.99
C LEU D 452 21.34 8.87 -8.60
N GLU D 453 20.77 9.60 -7.65
CA GLU D 453 21.36 9.64 -6.30
C GLU D 453 21.27 8.29 -5.58
N SER D 454 20.16 7.59 -5.80
CA SER D 454 19.97 6.28 -5.18
C SER D 454 20.91 5.27 -5.80
N ILE D 455 21.13 5.40 -7.11
CA ILE D 455 22.05 4.46 -7.75
C ILE D 455 23.53 4.73 -7.39
N VAL D 456 23.95 5.99 -7.32
CA VAL D 456 25.32 6.25 -6.90
C VAL D 456 25.50 5.85 -5.42
N ALA D 457 24.44 5.98 -4.62
CA ALA D 457 24.44 5.51 -3.25
C ALA D 457 24.64 3.98 -3.14
N GLN D 458 23.76 3.20 -3.76
CA GLN D 458 23.87 1.74 -3.70
C GLN D 458 25.15 1.25 -4.38
N LEU D 459 25.72 2.06 -5.27
CA LEU D 459 26.95 1.67 -5.95
C LEU D 459 28.21 2.01 -5.18
N SER D 460 28.14 3.01 -4.30
CA SER D 460 29.31 3.43 -3.52
C SER D 460 29.51 2.60 -2.26
N ARG D 461 28.42 1.96 -1.80
CA ARG D 461 28.38 1.25 -0.51
C ARG D 461 27.12 0.39 -0.45
N PRO D 462 27.22 -0.87 -0.92
CA PRO D 462 26.07 -1.73 -1.24
C PRO D 462 25.59 -2.71 -0.16
N ASP D 463 24.32 -3.09 -0.26
CA ASP D 463 23.69 -4.07 0.63
C ASP D 463 22.61 -4.87 -0.10
N ALA D 468 22.65 -9.85 -3.58
CA ALA D 468 22.72 -8.58 -4.29
C ALA D 468 22.50 -8.79 -5.79
N LEU D 469 21.80 -7.84 -6.42
CA LEU D 469 21.60 -7.87 -7.87
C LEU D 469 22.87 -7.38 -8.58
N THR D 470 22.92 -7.60 -9.90
CA THR D 470 24.03 -7.13 -10.71
C THR D 470 23.90 -5.63 -10.93
N ASN D 471 25.00 -4.98 -11.30
CA ASN D 471 24.96 -3.56 -11.64
C ASN D 471 23.97 -3.25 -12.77
N ASP D 472 23.94 -4.09 -13.80
CA ASP D 472 23.00 -3.89 -14.90
C ASP D 472 21.55 -4.05 -14.46
N HIS D 473 21.32 -5.00 -13.54
CA HIS D 473 19.98 -5.16 -12.98
C HIS D 473 19.58 -3.91 -12.21
N LEU D 474 20.53 -3.36 -11.44
CA LEU D 474 20.29 -2.15 -10.67
C LEU D 474 19.97 -0.95 -11.59
N VAL D 475 20.71 -0.82 -12.68
CA VAL D 475 20.43 0.20 -13.68
C VAL D 475 19.03 0.03 -14.27
N ALA D 476 18.67 -1.23 -14.53
CA ALA D 476 17.37 -1.55 -15.09
C ALA D 476 16.23 -1.18 -14.14
N LEU D 477 16.42 -1.49 -12.85
CA LEU D 477 15.47 -1.11 -11.82
C LEU D 477 15.38 0.43 -11.66
N ALA D 478 16.52 1.10 -11.74
CA ALA D 478 16.56 2.55 -11.65
C ALA D 478 15.78 3.19 -12.81
N CYS D 479 15.94 2.65 -14.00
CA CYS D 479 15.15 3.13 -15.14
C CYS D 479 13.67 2.84 -14.98
N LEU D 480 13.36 1.64 -14.51
CA LEU D 480 11.97 1.23 -14.38
C LEU D 480 11.17 1.99 -13.32
N GLY D 481 11.71 2.12 -12.11
CA GLY D 481 10.98 2.76 -11.03
C GLY D 481 11.76 3.72 -10.15
N GLY D 482 12.92 4.15 -10.62
CA GLY D 482 13.77 5.10 -9.92
C GLY D 482 14.15 4.73 -8.49
N ARG D 483 14.34 5.76 -7.66
CA ARG D 483 14.61 5.57 -6.24
C ARG D 483 13.66 4.58 -5.55
N PRO D 484 12.32 4.73 -5.75
CA PRO D 484 11.43 3.79 -5.04
C PRO D 484 11.71 2.33 -5.37
N ALA D 485 12.15 2.05 -6.59
CA ALA D 485 12.51 0.68 -6.98
C ALA D 485 13.75 0.21 -6.24
N LEU D 486 14.75 1.08 -6.12
CA LEU D 486 15.97 0.69 -5.40
C LEU D 486 15.72 0.48 -3.90
N ASP D 487 14.81 1.25 -3.34
CA ASP D 487 14.48 1.14 -1.92
C ASP D 487 13.61 -0.09 -1.69
N ALA D 488 12.72 -0.37 -2.63
CA ALA D 488 11.77 -1.47 -2.48
C ALA D 488 12.42 -2.85 -2.70
N VAL D 489 13.67 -2.85 -3.11
CA VAL D 489 14.39 -4.09 -3.32
C VAL D 489 15.31 -4.35 -2.11
N LYS D 490 15.50 -3.30 -1.30
CA LYS D 490 16.13 -3.44 -0.01
C LYS D 490 15.18 -4.20 0.91
N LYS D 491 13.90 -3.90 0.76
CA LYS D 491 12.85 -4.50 1.56
C LYS D 491 12.66 -5.96 1.16
N LEU D 492 13.71 -6.57 0.64
CA LEU D 492 13.66 -7.96 0.26
C LEU D 492 14.99 -8.64 0.56
N GLU D 493 16.03 -8.22 -0.15
CA GLU D 493 17.35 -8.82 0.02
C GLU D 493 17.82 -8.76 1.47
N HIS D 494 17.48 -7.66 2.14
CA HIS D 494 17.88 -7.48 3.53
C HIS D 494 17.74 -8.77 4.29
#